data_8T7T
#
_entry.id   8T7T
#
_cell.length_a   1.00
_cell.length_b   1.00
_cell.length_c   1.00
_cell.angle_alpha   90.00
_cell.angle_beta   90.00
_cell.angle_gamma   90.00
#
_symmetry.space_group_name_H-M   'P 1'
#
_entity_poly.entity_id   1
_entity_poly.type   'polypeptide(L)'
_entity_poly.pdbx_seq_one_letter_code
;GMAGGRGAPGRGRDEPPESYPQRQDHELQALEAIYGADFQDLRPDACGPVKEPPEINLVLYPQGLTGEEVYVKVDLRVKC
PPTYPDVVPEIELKNAKGLSNESVNLLKSRLEELAKKHCGEVMIFELAYHVQSFLSEHNKPPPKSFHEEMLERRAQEEQQ
RLLEAKRKEEQEQREILHEIQRRKEEIKEEKKRKEMAKQERLEIASLSNQDHTSKKDPGGHRTAAILHGGSPDFVGNGKH
RANSSGRSRRERQYSVCNSEDSPGSCEILYFNMGSPDQLMVHKGKCIGSDEQLGKLVYNALETATGGFVLLYEWVLQWQK
KMGPFLTSQEKEKIDKCKKQIQGTETEFNSLVKLSHPNVVRYLAMNLKEQDDSIVVDILVEHISGVSLAAHLSHSGPIPV
HQLRRYTAQLLSGLDYLHSNSVVHKVLSASNVLVDAEGTVKITDYSISKRLADICKEDVFEQTRVRFSDNALPYKTGKKG
DVWRLGLLLLSLSQGQECGEYPVTIPSDLPADFQDFLKKCVCLDDKERWSPQQLLKHSFINPQPKMPLVEQSPEDSEGQD
YVETVIPSNRLPSAAFFSETQRQFSRYFIEFEELQLLGKGAFGAVIKVQNKLDGCCYAVKRIPINPASRQFRRIKGEVTL
LSRLHHENIVRYYNAWIERHERPAGPGTPPPDSGPLAKDDRAARGQPASDTDGLDSVEAAAPPPILSSSVEWSTSGERSA
SARFPATGPGSSDDEDDDEDEHGGVFSQSFLPASDSESDIIFDNEDENSKSQNQDEDCNEKNGCHESEPSVTTEAVHYLY
IQMEYCEKSTLRDTIDQGLYRDTVRLWRLFREILDGLAYIHEKGMIHRDLKPVNIFLDSDDHVKIGDFGLATDHLAFSAD
SKQDDQTGDLIKSDPSGHLTGMVGTALYVSPEVQGSTKSAYNQKVDLFSLGIIFFEMSYHPMVTASERIFVLNQLRDPTS
PKFPEDFDDGEHAKQKSVISWLLNHDPAKRPTATELLKSELLPPPQMEESELHEVLHHTLTNVDGKAYRTMMAQIFSQRI
SPAIDYTYDSDILKGNFSIRTAKMQQHVCETIIRIFKRHGAVQLCTPLLLPRNRQIYEHNEAALFMDHSGMLVMLPFDLR
IPFARYVARNNILNLKRYCIERVFRPRKLDRFHPKELLECAFDIVTSTTNSFLPTAEIIYTIYEIIQEFPALQERNYSIY
LNHTMLLKAILLHCGIPEDKLSQVYIILYDAVTEKLTRREVEAKFCNLSLSSNSLCRLYKFIEQKGDLQDLMPTINSLIK
QKTGIAQLVKYGLKDLEEVVGLLKKLGIKLQVLINLGLVYKVQQHNGIIFQFVAFIKRRQRAVPEILAAGGRYDLLIPQF
RGPQALGPVPTAIGVSIAIDKISAAVLNMEESVTISSCDLLVVSVGQMSMSRAINLTQKLWTAGITAEIMYDWSQSQEEL
QEYCRHHEITYVALVSDKEGSHVKVKSFEKERQTEKRVLETELVDHVLQKLRTKVTDERNGREASDNLAVQNLKGSFSNA
SGLFEIHGATVVPIVSVLAPEKLSASTRRRYETQVQTRLQTSLANLHQKSSEIEILAVDLPKETILQFLSLEWDADEQAF
NTTVKQLLSRLPKQRYLKLVCDEIYNIKVEKKVSVLFLYSYRDDYYRILF
;
_entity_poly.pdbx_strand_id   A,B
#
# COMPACT_ATOMS: atom_id res chain seq x y z
N LEU A 1012 12.14 24.85 36.40
CA LEU A 1012 11.84 24.31 35.06
C LEU A 1012 10.41 23.77 35.00
N HIS A 1013 10.00 23.06 36.04
CA HIS A 1013 8.66 22.49 36.07
C HIS A 1013 7.59 23.59 36.10
N GLU A 1014 7.81 24.63 36.90
CA GLU A 1014 6.84 25.71 36.99
C GLU A 1014 6.72 26.45 35.67
N VAL A 1015 7.86 26.76 35.04
CA VAL A 1015 7.83 27.43 33.74
C VAL A 1015 7.19 26.54 32.69
N LEU A 1016 7.47 25.24 32.73
CA LEU A 1016 6.85 24.31 31.79
C LEU A 1016 5.33 24.30 31.94
N HIS A 1017 4.85 24.22 33.19
CA HIS A 1017 3.42 24.20 33.42
C HIS A 1017 2.77 25.51 32.99
N HIS A 1018 3.43 26.63 33.27
CA HIS A 1018 2.89 27.93 32.86
C HIS A 1018 2.81 28.04 31.35
N THR A 1019 3.84 27.57 30.64
CA THR A 1019 3.82 27.60 29.18
C THR A 1019 2.74 26.68 28.63
N LEU A 1020 2.60 25.48 29.18
CA LEU A 1020 1.61 24.52 28.72
C LEU A 1020 0.18 24.94 29.04
N THR A 1021 -0.02 25.80 30.05
CA THR A 1021 -1.36 26.21 30.44
C THR A 1021 -2.11 26.94 29.33
N ASN A 1022 -1.39 27.58 28.41
CA ASN A 1022 -1.98 28.28 27.27
C ASN A 1022 -1.31 27.77 26.01
N VAL A 1023 -1.92 26.76 25.37
CA VAL A 1023 -1.34 26.17 24.16
C VAL A 1023 -1.31 27.13 22.99
N ASP A 1024 -2.10 28.20 23.03
CA ASP A 1024 -2.10 29.22 21.99
C ASP A 1024 -1.29 30.45 22.37
N GLY A 1025 -0.57 30.40 23.49
CA GLY A 1025 0.22 31.54 23.91
C GLY A 1025 1.50 31.70 23.12
N LYS A 1026 2.11 32.88 23.25
CA LYS A 1026 3.34 33.16 22.53
C LYS A 1026 4.49 32.33 23.06
N ALA A 1027 4.54 32.09 24.38
CA ALA A 1027 5.62 31.30 24.96
C ALA A 1027 5.59 29.87 24.45
N TYR A 1028 4.40 29.27 24.36
CA TYR A 1028 4.30 27.91 23.85
C TYR A 1028 4.75 27.82 22.40
N ARG A 1029 4.34 28.79 21.57
CA ARG A 1029 4.78 28.80 20.17
C ARG A 1029 6.29 28.97 20.08
N THR A 1030 6.86 29.87 20.89
CA THR A 1030 8.31 30.07 20.87
C THR A 1030 9.05 28.81 21.27
N MET A 1031 8.57 28.12 22.31
CA MET A 1031 9.20 26.87 22.72
C MET A 1031 9.09 25.81 21.62
N MET A 1032 7.92 25.72 20.98
CA MET A 1032 7.74 24.74 19.92
C MET A 1032 8.67 25.02 18.76
N ALA A 1033 8.85 26.30 18.40
CA ALA A 1033 9.81 26.64 17.35
C ALA A 1033 11.23 26.31 17.75
N GLN A 1034 11.59 26.60 19.00
CA GLN A 1034 12.96 26.37 19.47
C GLN A 1034 13.30 24.88 19.53
N ILE A 1035 12.34 24.07 19.98
CA ILE A 1035 12.61 22.64 20.12
C ILE A 1035 12.60 21.94 18.78
N PHE A 1036 12.03 22.57 17.75
CA PHE A 1036 11.94 21.98 16.42
C PHE A 1036 13.08 22.44 15.51
N SER A 1037 14.03 23.23 16.03
CA SER A 1037 15.12 23.77 15.21
C SER A 1037 16.47 23.29 15.72
N GLN A 1038 16.53 22.09 16.29
CA GLN A 1038 17.78 21.54 16.79
C GLN A 1038 18.67 21.08 15.63
N ARG A 1039 19.93 20.83 15.95
CA ARG A 1039 20.91 20.37 14.98
C ARG A 1039 21.18 18.89 15.20
N ILE A 1040 21.14 18.11 14.12
CA ILE A 1040 21.34 16.67 14.17
C ILE A 1040 22.72 16.35 13.62
N SER A 1041 23.52 15.63 14.42
CA SER A 1041 24.85 15.25 13.98
C SER A 1041 24.77 14.15 12.91
N PRO A 1042 25.72 14.12 11.98
CA PRO A 1042 25.70 13.06 10.95
C PRO A 1042 25.77 11.66 11.52
N ALA A 1043 26.47 11.46 12.63
CA ALA A 1043 26.56 10.13 13.22
C ALA A 1043 25.20 9.64 13.69
N ILE A 1044 24.40 10.53 14.29
CA ILE A 1044 23.05 10.16 14.70
C ILE A 1044 22.19 9.87 13.47
N ASP A 1045 22.31 10.70 12.43
CA ASP A 1045 21.50 10.50 11.23
C ASP A 1045 21.80 9.17 10.55
N TYR A 1046 23.08 8.80 10.48
CA TYR A 1046 23.46 7.57 9.80
C TYR A 1046 22.95 6.34 10.53
N THR A 1047 22.94 6.36 11.85
CA THR A 1047 22.58 5.20 12.67
C THR A 1047 21.10 5.15 13.02
N TYR A 1048 20.29 6.06 12.49
CA TYR A 1048 18.88 6.10 12.85
C TYR A 1048 18.17 4.81 12.46
N ASP A 1049 18.45 4.28 11.27
CA ASP A 1049 17.85 3.04 10.79
C ASP A 1049 18.93 2.06 10.37
N SER A 1050 19.96 1.90 11.22
CA SER A 1050 21.03 0.95 10.95
C SER A 1050 20.59 -0.50 11.13
N ASP A 1051 19.40 -0.75 11.68
CA ASP A 1051 18.91 -2.10 11.87
C ASP A 1051 17.99 -2.57 10.75
N ILE A 1052 17.42 -1.65 9.97
CA ILE A 1052 16.58 -2.05 8.85
C ILE A 1052 17.41 -2.31 7.61
N LEU A 1053 18.26 -1.36 7.23
CA LEU A 1053 19.13 -1.50 6.06
C LEU A 1053 20.40 -2.21 6.50
N LYS A 1054 20.31 -3.54 6.59
CA LYS A 1054 21.43 -4.35 7.06
C LYS A 1054 22.56 -4.45 6.05
N GLY A 1055 22.37 -3.98 4.83
CA GLY A 1055 23.39 -3.98 3.81
C GLY A 1055 23.26 -5.08 2.77
N ASN A 1056 22.50 -6.13 3.06
CA ASN A 1056 22.29 -7.22 2.12
C ASN A 1056 20.93 -7.07 1.44
N PHE A 1057 20.78 -7.77 0.32
CA PHE A 1057 19.54 -7.72 -0.44
C PHE A 1057 19.27 -9.09 -1.06
N SER A 1058 17.98 -9.36 -1.29
CA SER A 1058 17.56 -10.59 -1.94
C SER A 1058 16.28 -10.32 -2.72
N ILE A 1059 16.25 -10.78 -3.97
CA ILE A 1059 15.07 -10.60 -4.81
C ILE A 1059 14.04 -11.71 -4.58
N ARG A 1060 14.48 -12.88 -4.14
CA ARG A 1060 13.57 -14.00 -3.92
C ARG A 1060 12.51 -13.66 -2.88
N THR A 1061 12.91 -13.01 -1.79
CA THR A 1061 11.96 -12.66 -0.74
C THR A 1061 10.90 -11.68 -1.25
N ALA A 1062 11.32 -10.67 -2.00
CA ALA A 1062 10.37 -9.70 -2.54
C ALA A 1062 9.41 -10.36 -3.52
N LYS A 1063 9.93 -11.24 -4.38
CA LYS A 1063 9.06 -11.93 -5.32
C LYS A 1063 8.06 -12.82 -4.60
N MET A 1064 8.52 -13.54 -3.56
CA MET A 1064 7.62 -14.41 -2.81
C MET A 1064 6.53 -13.61 -2.11
N GLN A 1065 6.90 -12.47 -1.49
CA GLN A 1065 5.91 -11.64 -0.82
C GLN A 1065 4.90 -11.09 -1.82
N GLN A 1066 5.37 -10.67 -3.00
CA GLN A 1066 4.45 -10.19 -4.02
C GLN A 1066 3.48 -11.28 -4.45
N HIS A 1067 3.97 -12.50 -4.63
CA HIS A 1067 3.10 -13.60 -5.03
C HIS A 1067 2.06 -13.91 -3.95
N VAL A 1068 2.47 -13.95 -2.69
CA VAL A 1068 1.54 -14.24 -1.60
C VAL A 1068 0.47 -13.15 -1.50
N CYS A 1069 0.89 -11.89 -1.58
CA CYS A 1069 -0.07 -10.79 -1.53
C CYS A 1069 -1.04 -10.85 -2.69
N GLU A 1070 -0.54 -11.17 -3.89
CA GLU A 1070 -1.43 -11.24 -5.05
C GLU A 1070 -2.44 -12.36 -4.90
N THR A 1071 -2.01 -13.52 -4.39
CA THR A 1071 -2.95 -14.62 -4.19
C THR A 1071 -4.02 -14.25 -3.16
N ILE A 1072 -3.61 -13.66 -2.04
CA ILE A 1072 -4.57 -13.28 -1.01
C ILE A 1072 -5.55 -12.24 -1.54
N ILE A 1073 -5.06 -11.28 -2.32
CA ILE A 1073 -5.94 -10.27 -2.90
C ILE A 1073 -6.91 -10.93 -3.88
N ARG A 1074 -6.45 -11.92 -4.64
CA ARG A 1074 -7.32 -12.59 -5.59
C ARG A 1074 -8.45 -13.34 -4.88
N ILE A 1075 -8.15 -13.97 -3.75
CA ILE A 1075 -9.20 -14.70 -3.02
C ILE A 1075 -10.29 -13.74 -2.55
N PHE A 1076 -9.89 -12.59 -2.00
CA PHE A 1076 -10.86 -11.66 -1.43
C PHE A 1076 -11.81 -11.10 -2.49
N LYS A 1077 -11.28 -10.81 -3.69
CA LYS A 1077 -12.11 -10.20 -4.72
C LYS A 1077 -13.20 -11.14 -5.21
N ARG A 1078 -13.06 -12.44 -4.98
CA ARG A 1078 -14.08 -13.40 -5.41
C ARG A 1078 -15.39 -13.24 -4.66
N HIS A 1079 -15.38 -12.60 -3.49
CA HIS A 1079 -16.57 -12.45 -2.67
C HIS A 1079 -17.28 -11.12 -2.89
N GLY A 1080 -16.83 -10.31 -3.85
CA GLY A 1080 -17.42 -9.01 -4.06
C GLY A 1080 -16.82 -7.90 -3.22
N ALA A 1081 -15.63 -8.09 -2.68
CA ALA A 1081 -15.00 -7.11 -1.81
C ALA A 1081 -14.42 -5.96 -2.62
N VAL A 1082 -14.13 -4.86 -1.93
CA VAL A 1082 -13.52 -3.68 -2.52
C VAL A 1082 -12.40 -3.22 -1.59
N GLN A 1083 -11.47 -2.44 -2.14
CA GLN A 1083 -10.33 -1.94 -1.40
C GLN A 1083 -10.61 -0.51 -0.91
N LEU A 1084 -10.39 -0.27 0.37
CA LEU A 1084 -10.58 1.04 0.97
C LEU A 1084 -9.39 1.36 1.87
N CYS A 1085 -9.14 2.66 2.05
CA CYS A 1085 -8.03 3.13 2.86
C CYS A 1085 -8.53 4.15 3.87
N THR A 1086 -7.80 4.28 4.97
CA THR A 1086 -8.14 5.16 6.07
C THR A 1086 -6.99 6.11 6.38
N PRO A 1087 -7.28 7.29 6.94
CA PRO A 1087 -6.21 8.23 7.25
C PRO A 1087 -5.18 7.64 8.20
N LEU A 1088 -3.92 8.00 7.98
CA LEU A 1088 -2.81 7.40 8.70
C LEU A 1088 -2.75 7.85 10.15
N LEU A 1089 -2.92 9.15 10.39
CA LEU A 1089 -2.72 9.73 11.71
C LEU A 1089 -4.07 10.00 12.37
N LEU A 1090 -4.24 9.51 13.59
CA LEU A 1090 -5.43 9.77 14.39
C LEU A 1090 -5.01 10.26 15.77
N PRO A 1091 -5.82 11.12 16.38
CA PRO A 1091 -5.45 11.68 17.68
C PRO A 1091 -5.29 10.60 18.74
N ARG A 1092 -4.38 10.86 19.69
CA ARG A 1092 -4.10 9.91 20.75
C ARG A 1092 -5.32 9.71 21.64
N ASN A 1093 -5.55 8.47 22.04
CA ASN A 1093 -6.65 8.12 22.96
C ASN A 1093 -6.10 7.09 23.96
N ARG A 1094 -5.78 7.55 25.17
CA ARG A 1094 -5.22 6.67 26.18
C ARG A 1094 -6.25 5.69 26.74
N GLN A 1095 -7.54 5.90 26.47
CA GLN A 1095 -8.56 4.99 26.97
C GLN A 1095 -8.44 3.61 26.34
N ILE A 1096 -8.13 3.54 25.05
CA ILE A 1096 -8.13 2.28 24.31
C ILE A 1096 -6.75 1.62 24.38
N TYR A 1097 -5.70 2.43 24.35
CA TYR A 1097 -4.33 1.94 24.29
C TYR A 1097 -3.57 2.24 25.57
N GLU A 1098 -4.22 2.08 26.72
CA GLU A 1098 -3.57 2.36 27.99
C GLU A 1098 -2.42 1.39 28.25
N HIS A 1099 -2.62 0.10 27.95
CA HIS A 1099 -1.63 -0.93 28.22
C HIS A 1099 -0.76 -1.24 27.00
N ASN A 1100 -1.38 -1.37 25.83
CA ASN A 1100 -0.63 -1.69 24.62
C ASN A 1100 0.31 -0.54 24.26
N GLU A 1101 1.53 -0.90 23.86
CA GLU A 1101 2.56 0.09 23.55
C GLU A 1101 2.48 0.45 22.07
N ALA A 1102 2.31 1.74 21.79
CA ALA A 1102 2.19 2.23 20.43
C ALA A 1102 3.16 3.39 20.20
N ALA A 1103 3.55 3.57 18.95
CA ALA A 1103 4.45 4.66 18.60
C ALA A 1103 3.72 5.99 18.72
N LEU A 1104 4.38 6.96 19.36
CA LEU A 1104 3.78 8.26 19.64
C LEU A 1104 4.62 9.37 19.03
N PHE A 1105 3.94 10.34 18.41
CA PHE A 1105 4.60 11.44 17.74
C PHE A 1105 3.81 12.73 18.00
N MET A 1106 4.51 13.86 17.87
CA MET A 1106 3.93 15.17 18.08
C MET A 1106 4.25 16.05 16.88
N ASP A 1107 3.23 16.69 16.32
CA ASP A 1107 3.41 17.52 15.13
C ASP A 1107 4.01 18.87 15.55
N HIS A 1108 4.13 19.78 14.59
CA HIS A 1108 4.81 21.06 14.85
C HIS A 1108 3.98 22.00 15.70
N SER A 1109 2.70 21.71 15.93
CA SER A 1109 1.84 22.56 16.75
C SER A 1109 1.63 22.00 18.15
N GLY A 1110 2.35 20.95 18.53
CA GLY A 1110 2.24 20.36 19.85
C GLY A 1110 1.14 19.34 20.01
N MET A 1111 0.29 19.14 19.01
CA MET A 1111 -0.75 18.13 19.10
C MET A 1111 -0.14 16.74 19.11
N LEU A 1112 -0.76 15.84 19.87
CA LEU A 1112 -0.26 14.49 20.00
C LEU A 1112 -1.02 13.56 19.05
N VAL A 1113 -0.27 12.79 18.25
CA VAL A 1113 -0.85 11.86 17.30
C VAL A 1113 -0.15 10.52 17.44
N MET A 1114 -0.78 9.48 16.89
CA MET A 1114 -0.30 8.12 17.02
C MET A 1114 -0.30 7.43 15.66
N LEU A 1115 0.75 6.67 15.39
CA LEU A 1115 0.75 5.81 14.23
C LEU A 1115 -0.22 4.65 14.45
N PRO A 1116 -0.88 4.19 13.39
CA PRO A 1116 -1.94 3.18 13.58
C PRO A 1116 -1.41 1.87 14.13
N PHE A 1117 -1.92 1.49 15.31
CA PHE A 1117 -1.56 0.20 15.89
C PHE A 1117 -2.29 -0.94 15.19
N ASP A 1118 -3.55 -0.71 14.81
CA ASP A 1118 -4.33 -1.69 14.07
C ASP A 1118 -5.34 -0.96 13.20
N LEU A 1119 -5.92 -1.67 12.24
CA LEU A 1119 -6.83 -1.09 11.27
C LEU A 1119 -8.30 -1.18 11.67
N ARG A 1120 -8.61 -1.83 12.79
CA ARG A 1120 -10.01 -1.99 13.21
CA ARG A 1120 -10.01 -1.99 13.19
C ARG A 1120 -10.59 -0.67 13.68
N ILE A 1121 -9.88 0.04 14.54
CA ILE A 1121 -10.35 1.31 15.12
C ILE A 1121 -10.47 2.40 14.06
N PRO A 1122 -9.48 2.61 13.18
CA PRO A 1122 -9.68 3.61 12.11
C PRO A 1122 -10.86 3.30 11.22
N PHE A 1123 -11.12 2.03 10.92
CA PHE A 1123 -12.29 1.71 10.09
C PHE A 1123 -13.59 1.89 10.86
N ALA A 1124 -13.57 1.62 12.17
CA ALA A 1124 -14.76 1.90 12.99
C ALA A 1124 -15.06 3.38 12.99
N ARG A 1125 -14.03 4.21 13.12
CA ARG A 1125 -14.23 5.66 13.03
C ARG A 1125 -14.73 6.07 11.65
N TYR A 1126 -14.19 5.45 10.60
CA TYR A 1126 -14.63 5.74 9.24
C TYR A 1126 -16.10 5.43 9.06
N VAL A 1127 -16.54 4.27 9.56
CA VAL A 1127 -17.94 3.87 9.46
C VAL A 1127 -18.82 4.82 10.26
N ALA A 1128 -18.40 5.15 11.49
CA ALA A 1128 -19.22 6.00 12.35
C ALA A 1128 -19.39 7.39 11.75
N ARG A 1129 -18.30 7.99 11.25
CA ARG A 1129 -18.39 9.33 10.71
C ARG A 1129 -19.01 9.36 9.31
N ASN A 1130 -18.89 8.28 8.55
CA ASN A 1130 -19.43 8.21 7.20
C ASN A 1130 -20.79 7.53 7.13
N ASN A 1131 -21.35 7.11 8.27
CA ASN A 1131 -22.63 6.41 8.36
C ASN A 1131 -22.78 5.34 7.28
N ILE A 1132 -21.74 4.52 7.16
CA ILE A 1132 -21.75 3.42 6.20
C ILE A 1132 -22.66 2.31 6.72
N LEU A 1133 -23.59 1.86 5.89
CA LEU A 1133 -24.56 0.84 6.28
C LEU A 1133 -24.14 -0.55 5.82
N ASN A 1134 -23.92 -0.75 4.53
CA ASN A 1134 -23.54 -2.03 3.97
C ASN A 1134 -22.26 -1.87 3.16
N LEU A 1135 -21.28 -2.72 3.41
CA LEU A 1135 -20.00 -2.64 2.73
C LEU A 1135 -19.16 -3.87 3.04
N LYS A 1136 -18.30 -4.24 2.09
CA LYS A 1136 -17.24 -5.21 2.29
C LYS A 1136 -15.92 -4.55 1.91
N ARG A 1137 -14.85 -4.92 2.60
CA ARG A 1137 -13.60 -4.17 2.45
C ARG A 1137 -12.41 -5.08 2.73
N TYR A 1138 -11.33 -4.87 1.97
CA TYR A 1138 -10.05 -5.50 2.23
C TYR A 1138 -8.95 -4.45 2.11
N CYS A 1139 -7.84 -4.68 2.80
CA CYS A 1139 -6.75 -3.72 2.78
C CYS A 1139 -5.48 -4.39 3.29
N ILE A 1140 -4.34 -4.00 2.72
CA ILE A 1140 -3.03 -4.46 3.15
C ILE A 1140 -2.17 -3.24 3.40
N GLU A 1141 -1.76 -3.03 4.65
CA GLU A 1141 -0.93 -1.89 5.04
C GLU A 1141 0.11 -2.37 6.03
N ARG A 1142 0.77 -1.40 6.68
CA ARG A 1142 1.82 -1.68 7.65
C ARG A 1142 1.41 -1.17 9.02
N VAL A 1143 1.96 -1.80 10.05
CA VAL A 1143 1.73 -1.42 11.44
C VAL A 1143 3.06 -1.21 12.12
N PHE A 1144 3.08 -0.36 13.15
CA PHE A 1144 4.31 0.09 13.77
C PHE A 1144 4.31 -0.22 15.27
N ARG A 1145 5.48 -0.64 15.77
CA ARG A 1145 5.68 -0.89 17.19
C ARG A 1145 6.97 -0.21 17.62
N PRO A 1146 6.94 0.64 18.66
CA PRO A 1146 8.18 1.30 19.09
C PRO A 1146 9.18 0.31 19.65
N ARG A 1147 10.46 0.69 19.57
CA ARG A 1147 11.56 -0.16 20.02
C ARG A 1147 12.00 0.22 21.42
N LYS A 1148 12.51 -0.77 22.15
CA LYS A 1148 12.95 -0.54 23.52
C LYS A 1148 14.18 0.35 23.57
N LEU A 1149 15.14 0.11 22.69
CA LEU A 1149 16.35 0.92 22.68
C LEU A 1149 16.07 2.33 22.17
N ASP A 1150 16.90 3.27 22.58
CA ASP A 1150 16.73 4.66 22.22
C ASP A 1150 17.40 4.98 20.90
N ARG A 1151 16.90 6.02 20.23
CA ARG A 1151 17.47 6.54 18.99
C ARG A 1151 17.47 5.49 17.88
N PHE A 1152 16.25 5.04 17.53
CA PHE A 1152 16.10 4.03 16.50
C PHE A 1152 14.78 4.24 15.77
N HIS A 1153 14.60 3.48 14.68
CA HIS A 1153 13.40 3.49 13.86
C HIS A 1153 12.36 2.51 14.41
N PRO A 1154 11.07 2.85 14.32
CA PRO A 1154 10.03 1.93 14.78
C PRO A 1154 10.00 0.65 13.94
N LYS A 1155 9.61 -0.44 14.58
CA LYS A 1155 9.46 -1.70 13.87
C LYS A 1155 8.25 -1.64 12.95
N GLU A 1156 8.27 -2.49 11.91
CA GLU A 1156 7.23 -2.48 10.90
C GLU A 1156 6.80 -3.91 10.60
N LEU A 1157 5.49 -4.15 10.62
CA LEU A 1157 4.90 -5.44 10.29
C LEU A 1157 3.83 -5.23 9.22
N LEU A 1158 3.57 -6.29 8.47
CA LEU A 1158 2.60 -6.27 7.38
C LEU A 1158 1.34 -7.01 7.82
N GLU A 1159 0.19 -6.36 7.64
CA GLU A 1159 -1.09 -6.92 8.07
C GLU A 1159 -2.12 -6.79 6.96
N CYS A 1160 -3.07 -7.72 6.95
CA CYS A 1160 -4.17 -7.73 5.99
C CYS A 1160 -5.49 -7.74 6.76
N ALA A 1161 -6.50 -7.11 6.16
CA ALA A 1161 -7.79 -6.94 6.81
C ALA A 1161 -8.93 -7.32 5.88
N PHE A 1162 -10.04 -7.73 6.47
CA PHE A 1162 -11.24 -8.09 5.72
C PHE A 1162 -12.44 -7.86 6.63
N ASP A 1163 -13.25 -6.86 6.30
CA ASP A 1163 -14.35 -6.42 7.15
C ASP A 1163 -15.67 -6.50 6.41
N ILE A 1164 -16.71 -6.96 7.11
CA ILE A 1164 -18.07 -7.01 6.59
C ILE A 1164 -18.95 -6.17 7.50
N VAL A 1165 -19.70 -5.25 6.91
CA VAL A 1165 -20.63 -4.39 7.63
C VAL A 1165 -22.02 -4.63 7.05
N THR A 1166 -22.93 -5.14 7.88
CA THR A 1166 -24.27 -5.48 7.47
C THR A 1166 -25.29 -4.79 8.36
N SER A 1167 -26.44 -4.45 7.77
CA SER A 1167 -27.54 -3.83 8.51
C SER A 1167 -28.68 -4.79 8.78
N THR A 1168 -28.44 -6.09 8.69
CA THR A 1168 -29.47 -7.09 8.92
C THR A 1168 -29.48 -7.53 10.38
N THR A 1169 -30.69 -7.73 10.91
CA THR A 1169 -30.84 -8.17 12.29
C THR A 1169 -30.36 -9.61 12.48
N ASN A 1170 -30.68 -10.48 11.52
CA ASN A 1170 -30.28 -11.89 11.58
C ASN A 1170 -28.88 -12.07 10.97
N SER A 1171 -27.90 -11.52 11.68
CA SER A 1171 -26.50 -11.54 11.23
C SER A 1171 -25.77 -12.64 11.99
N PHE A 1172 -25.79 -13.84 11.43
CA PHE A 1172 -25.13 -14.99 12.05
C PHE A 1172 -24.17 -15.65 11.06
N LEU A 1173 -24.57 -15.70 9.79
CA LEU A 1173 -23.79 -16.32 8.72
C LEU A 1173 -22.53 -15.57 8.30
N PRO A 1174 -22.44 -14.24 8.43
CA PRO A 1174 -21.17 -13.57 8.06
C PRO A 1174 -19.95 -14.12 8.79
N THR A 1175 -20.09 -14.56 10.04
CA THR A 1175 -18.97 -15.20 10.71
C THR A 1175 -18.54 -16.47 9.97
N ALA A 1176 -19.51 -17.27 9.54
CA ALA A 1176 -19.21 -18.46 8.75
C ALA A 1176 -18.54 -18.09 7.43
N GLU A 1177 -19.00 -16.99 6.80
CA GLU A 1177 -18.38 -16.54 5.56
C GLU A 1177 -16.93 -16.14 5.76
N ILE A 1178 -16.64 -15.43 6.86
CA ILE A 1178 -15.26 -15.04 7.15
C ILE A 1178 -14.39 -16.27 7.38
N ILE A 1179 -14.89 -17.22 8.17
CA ILE A 1179 -14.10 -18.43 8.44
C ILE A 1179 -13.90 -19.23 7.15
N TYR A 1180 -14.91 -19.25 6.28
CA TYR A 1180 -14.78 -19.95 5.02
C TYR A 1180 -13.78 -19.28 4.09
N THR A 1181 -13.73 -17.94 4.09
CA THR A 1181 -12.73 -17.23 3.31
C THR A 1181 -11.33 -17.58 3.78
N ILE A 1182 -11.13 -17.60 5.10
CA ILE A 1182 -9.81 -17.96 5.61
C ILE A 1182 -9.50 -19.43 5.29
N TYR A 1183 -10.51 -20.30 5.30
CA TYR A 1183 -10.31 -21.69 4.91
C TYR A 1183 -9.88 -21.78 3.45
N GLU A 1184 -10.49 -20.98 2.58
CA GLU A 1184 -10.06 -20.94 1.18
C GLU A 1184 -8.61 -20.52 1.06
N ILE A 1185 -8.22 -19.47 1.79
CA ILE A 1185 -6.84 -19.00 1.74
C ILE A 1185 -5.89 -20.10 2.21
N ILE A 1186 -6.29 -20.84 3.25
CA ILE A 1186 -5.47 -21.96 3.72
C ILE A 1186 -5.36 -23.02 2.63
N GLN A 1187 -6.47 -23.32 1.96
CA GLN A 1187 -6.47 -24.36 0.94
C GLN A 1187 -5.58 -24.02 -0.24
N GLU A 1188 -5.56 -22.75 -0.65
CA GLU A 1188 -4.85 -22.37 -1.87
C GLU A 1188 -3.33 -22.49 -1.75
N PHE A 1189 -2.79 -22.64 -0.54
CA PHE A 1189 -1.34 -22.79 -0.37
C PHE A 1189 -1.02 -24.18 0.13
N PRO A 1190 -0.26 -24.98 -0.62
CA PRO A 1190 0.11 -26.31 -0.12
C PRO A 1190 0.96 -26.28 1.14
N ALA A 1191 1.61 -25.16 1.44
CA ALA A 1191 2.41 -25.08 2.66
C ALA A 1191 1.53 -25.02 3.90
N LEU A 1192 0.39 -24.33 3.81
CA LEU A 1192 -0.52 -24.20 4.94
C LEU A 1192 -1.39 -25.44 5.15
N GLN A 1193 -1.51 -26.29 4.14
CA GLN A 1193 -2.39 -27.46 4.26
C GLN A 1193 -1.79 -28.54 5.14
N GLU A 1194 -0.47 -28.60 5.25
CA GLU A 1194 0.20 -29.66 5.99
C GLU A 1194 0.42 -29.33 7.46
N ARG A 1195 -0.04 -28.17 7.93
CA ARG A 1195 0.17 -27.78 9.32
C ARG A 1195 -0.98 -28.17 10.23
N ASN A 1196 -2.09 -28.67 9.67
CA ASN A 1196 -3.23 -29.17 10.44
C ASN A 1196 -3.79 -28.08 11.37
N TYR A 1197 -4.29 -27.01 10.75
CA TYR A 1197 -4.84 -25.89 11.50
C TYR A 1197 -6.14 -26.29 12.19
N SER A 1198 -6.49 -25.53 13.22
CA SER A 1198 -7.71 -25.74 13.98
C SER A 1198 -8.42 -24.41 14.18
N ILE A 1199 -9.72 -24.49 14.46
CA ILE A 1199 -10.55 -23.31 14.63
C ILE A 1199 -11.07 -23.29 16.06
N TYR A 1200 -10.93 -22.14 16.73
CA TYR A 1200 -11.37 -21.97 18.11
C TYR A 1200 -12.44 -20.90 18.16
N LEU A 1201 -13.39 -21.05 19.08
CA LEU A 1201 -14.52 -20.13 19.19
C LEU A 1201 -14.82 -19.85 20.66
N ASN A 1202 -15.41 -18.68 20.90
CA ASN A 1202 -15.85 -18.29 22.24
C ASN A 1202 -16.80 -17.12 22.11
N HIS A 1203 -17.44 -16.79 23.22
CA HIS A 1203 -18.39 -15.69 23.29
C HIS A 1203 -18.06 -14.80 24.48
N THR A 1204 -18.27 -13.49 24.32
CA THR A 1204 -18.00 -12.56 25.40
C THR A 1204 -19.06 -12.64 26.49
N MET A 1205 -20.32 -12.85 26.11
CA MET A 1205 -21.39 -12.97 27.11
C MET A 1205 -21.15 -14.18 28.01
N LEU A 1206 -20.72 -15.30 27.42
CA LEU A 1206 -20.42 -16.48 28.22
C LEU A 1206 -19.27 -16.22 29.18
N LEU A 1207 -18.24 -15.50 28.73
CA LEU A 1207 -17.12 -15.19 29.62
C LEU A 1207 -17.56 -14.30 30.77
N LYS A 1208 -18.36 -13.26 30.48
CA LYS A 1208 -18.85 -12.40 31.55
C LYS A 1208 -19.73 -13.17 32.53
N ALA A 1209 -20.57 -14.07 32.01
CA ALA A 1209 -21.41 -14.88 32.88
C ALA A 1209 -20.57 -15.79 33.77
N ILE A 1210 -19.51 -16.38 33.21
CA ILE A 1210 -18.62 -17.23 34.01
C ILE A 1210 -17.95 -16.42 35.10
N LEU A 1211 -17.47 -15.21 34.76
CA LEU A 1211 -16.82 -14.38 35.76
C LEU A 1211 -17.80 -13.98 36.87
N LEU A 1212 -19.02 -13.61 36.49
CA LEU A 1212 -20.00 -13.22 37.50
C LEU A 1212 -20.38 -14.41 38.38
N HIS A 1213 -20.50 -15.60 37.80
CA HIS A 1213 -20.82 -16.79 38.60
C HIS A 1213 -19.68 -17.12 39.54
N CYS A 1214 -18.43 -16.88 39.12
CA CYS A 1214 -17.29 -17.15 39.99
C CYS A 1214 -17.22 -16.20 41.18
N GLY A 1215 -17.98 -15.10 41.17
CA GLY A 1215 -18.04 -14.19 42.29
C GLY A 1215 -17.22 -12.92 42.16
N ILE A 1216 -16.58 -12.70 41.02
CA ILE A 1216 -15.81 -11.47 40.81
C ILE A 1216 -16.76 -10.29 40.74
N PRO A 1217 -16.49 -9.17 41.41
CA PRO A 1217 -17.41 -8.04 41.39
C PRO A 1217 -17.61 -7.50 39.98
N GLU A 1218 -18.82 -7.00 39.73
CA GLU A 1218 -19.18 -6.52 38.40
C GLU A 1218 -18.56 -5.18 38.06
N ASP A 1219 -18.01 -4.48 39.05
CA ASP A 1219 -17.39 -3.18 38.82
C ASP A 1219 -15.88 -3.25 38.62
N LYS A 1220 -15.30 -4.45 38.66
CA LYS A 1220 -13.86 -4.63 38.50
C LYS A 1220 -13.55 -5.66 37.42
N LEU A 1221 -14.40 -5.74 36.39
CA LEU A 1221 -14.23 -6.76 35.36
C LEU A 1221 -13.10 -6.44 34.40
N SER A 1222 -12.89 -5.15 34.10
CA SER A 1222 -11.88 -4.78 33.12
C SER A 1222 -10.48 -5.19 33.56
N GLN A 1223 -10.17 -5.00 34.84
CA GLN A 1223 -8.86 -5.41 35.35
C GLN A 1223 -8.67 -6.92 35.21
N VAL A 1224 -9.72 -7.70 35.47
CA VAL A 1224 -9.63 -9.14 35.31
C VAL A 1224 -9.40 -9.51 33.86
N TYR A 1225 -10.10 -8.84 32.94
CA TYR A 1225 -9.88 -9.10 31.52
C TYR A 1225 -8.44 -8.81 31.12
N ILE A 1226 -7.90 -7.68 31.57
CA ILE A 1226 -6.54 -7.30 31.20
C ILE A 1226 -5.53 -8.28 31.77
N ILE A 1227 -5.69 -8.67 33.04
CA ILE A 1227 -4.70 -9.58 33.64
C ILE A 1227 -4.80 -10.96 33.00
N LEU A 1228 -6.01 -11.40 32.65
CA LEU A 1228 -6.15 -12.68 31.95
C LEU A 1228 -5.50 -12.64 30.58
N TYR A 1229 -5.69 -11.55 29.84
CA TYR A 1229 -5.03 -11.41 28.55
C TYR A 1229 -3.52 -11.41 28.70
N ASP A 1230 -3.01 -10.70 29.72
CA ASP A 1230 -1.57 -10.67 29.96
C ASP A 1230 -1.03 -12.06 30.27
N ALA A 1231 -1.73 -12.81 31.12
CA ALA A 1231 -1.29 -14.16 31.46
C ALA A 1231 -1.33 -15.07 30.24
N VAL A 1232 -2.36 -14.93 29.40
CA VAL A 1232 -2.47 -15.76 28.21
C VAL A 1232 -1.34 -15.45 27.23
N THR A 1233 -1.03 -14.17 27.04
CA THR A 1233 -0.03 -13.80 26.04
C THR A 1233 1.39 -14.03 26.54
N GLU A 1234 1.78 -13.33 27.60
CA GLU A 1234 3.16 -13.37 28.07
C GLU A 1234 3.52 -14.65 28.79
N LYS A 1235 2.53 -15.49 29.13
CA LYS A 1235 2.75 -16.76 29.82
C LYS A 1235 3.49 -16.55 31.15
N LEU A 1236 2.84 -15.82 32.05
CA LEU A 1236 3.41 -15.56 33.37
C LEU A 1236 3.40 -16.83 34.21
N THR A 1237 4.32 -16.90 35.16
CA THR A 1237 4.42 -18.05 36.03
C THR A 1237 3.21 -18.11 36.97
N ARG A 1238 2.89 -19.32 37.43
CA ARG A 1238 1.73 -19.52 38.29
C ARG A 1238 1.87 -18.75 39.59
N ARG A 1239 3.05 -18.78 40.20
CA ARG A 1239 3.26 -18.04 41.45
C ARG A 1239 3.09 -16.54 41.24
N GLU A 1240 3.62 -16.02 40.13
CA GLU A 1240 3.49 -14.59 39.84
C GLU A 1240 2.04 -14.20 39.62
N VAL A 1241 1.28 -15.04 38.91
CA VAL A 1241 -0.15 -14.75 38.70
C VAL A 1241 -0.89 -14.76 40.02
N GLU A 1242 -0.61 -15.75 40.87
CA GLU A 1242 -1.27 -15.81 42.18
C GLU A 1242 -0.93 -14.59 43.03
N ALA A 1243 0.34 -14.17 43.02
CA ALA A 1243 0.73 -13.01 43.80
C ALA A 1243 0.09 -11.73 43.27
N LYS A 1244 0.03 -11.58 41.94
CA LYS A 1244 -0.57 -10.39 41.36
C LYS A 1244 -2.07 -10.33 41.64
N PHE A 1245 -2.73 -11.49 41.62
CA PHE A 1245 -4.17 -11.51 41.92
C PHE A 1245 -4.45 -11.04 43.33
N CYS A 1246 -3.60 -11.43 44.29
CA CYS A 1246 -3.79 -10.98 45.67
C CYS A 1246 -3.64 -9.46 45.80
N ASN A 1247 -2.76 -8.86 45.00
CA ASN A 1247 -2.57 -7.42 45.06
C ASN A 1247 -3.79 -6.63 44.59
N LEU A 1248 -4.68 -7.27 43.84
CA LEU A 1248 -5.90 -6.62 43.35
C LEU A 1248 -7.02 -6.62 44.38
N SER A 1249 -6.71 -6.89 45.64
CA SER A 1249 -7.71 -6.96 46.71
C SER A 1249 -8.79 -7.98 46.40
N LEU A 1250 -8.39 -9.10 45.78
CA LEU A 1250 -9.29 -10.19 45.45
C LEU A 1250 -8.83 -11.45 46.18
N SER A 1251 -9.77 -12.11 46.84
CA SER A 1251 -9.43 -13.31 47.60
C SER A 1251 -9.16 -14.49 46.66
N SER A 1252 -8.60 -15.55 47.24
CA SER A 1252 -8.35 -16.77 46.48
C SER A 1252 -9.61 -17.54 46.15
N ASN A 1253 -10.75 -17.16 46.73
CA ASN A 1253 -11.99 -17.89 46.46
C ASN A 1253 -12.39 -17.78 44.99
N SER A 1254 -12.20 -16.59 44.39
CA SER A 1254 -12.52 -16.42 42.98
C SER A 1254 -11.47 -17.05 42.07
N LEU A 1255 -10.20 -17.07 42.50
CA LEU A 1255 -9.16 -17.64 41.65
C LEU A 1255 -9.20 -19.15 41.63
N CYS A 1256 -9.52 -19.78 42.77
CA CYS A 1256 -9.54 -21.24 42.84
C CYS A 1256 -10.59 -21.82 41.91
N ARG A 1257 -11.75 -21.19 41.82
CA ARG A 1257 -12.84 -21.68 40.99
C ARG A 1257 -12.82 -21.11 39.58
N LEU A 1258 -11.82 -20.29 39.24
CA LEU A 1258 -11.69 -19.75 37.89
C LEU A 1258 -10.67 -20.49 37.04
N TYR A 1259 -9.68 -21.13 37.66
CA TYR A 1259 -8.69 -21.91 36.93
C TYR A 1259 -9.21 -23.27 36.50
N LYS A 1260 -10.38 -23.68 36.98
CA LYS A 1260 -10.99 -24.95 36.59
C LYS A 1260 -11.99 -24.80 35.46
N PHE A 1261 -12.31 -23.56 35.05
CA PHE A 1261 -13.28 -23.32 33.99
C PHE A 1261 -12.65 -22.86 32.69
N ILE A 1262 -11.37 -22.50 32.69
CA ILE A 1262 -10.68 -22.08 31.47
C ILE A 1262 -9.73 -23.14 30.94
N GLU A 1263 -9.65 -24.29 31.59
CA GLU A 1263 -8.81 -25.40 31.14
C GLU A 1263 -9.56 -26.39 30.25
N GLN A 1264 -10.84 -26.14 29.96
CA GLN A 1264 -11.68 -27.08 29.24
C GLN A 1264 -11.77 -26.68 27.78
N LYS A 1265 -11.39 -27.61 26.89
CA LYS A 1265 -11.49 -27.43 25.45
C LYS A 1265 -12.04 -28.70 24.83
N GLY A 1266 -12.92 -28.54 23.84
CA GLY A 1266 -13.49 -29.69 23.18
C GLY A 1266 -14.68 -29.30 22.33
N ASP A 1267 -15.40 -30.33 21.87
CA ASP A 1267 -16.55 -30.12 21.02
C ASP A 1267 -17.68 -29.44 21.80
N LEU A 1268 -18.58 -28.81 21.05
CA LEU A 1268 -19.72 -28.13 21.67
C LEU A 1268 -20.60 -29.12 22.42
N GLN A 1269 -20.88 -30.27 21.82
CA GLN A 1269 -21.69 -31.28 22.48
C GLN A 1269 -20.94 -31.97 23.63
N ASP A 1270 -19.61 -32.01 23.57
CA ASP A 1270 -18.84 -32.64 24.63
C ASP A 1270 -18.75 -31.75 25.88
N LEU A 1271 -18.70 -30.44 25.70
CA LEU A 1271 -18.62 -29.51 26.82
C LEU A 1271 -19.98 -29.08 27.34
N MET A 1272 -21.06 -29.67 26.82
CA MET A 1272 -22.39 -29.36 27.34
C MET A 1272 -22.56 -29.61 28.83
N PRO A 1273 -22.04 -30.70 29.42
CA PRO A 1273 -22.20 -30.87 30.87
C PRO A 1273 -21.66 -29.71 31.69
N THR A 1274 -20.54 -29.10 31.26
CA THR A 1274 -19.98 -27.98 32.00
C THR A 1274 -20.84 -26.72 31.81
N ILE A 1275 -21.31 -26.47 30.59
CA ILE A 1275 -22.01 -25.22 30.30
C ILE A 1275 -23.38 -25.21 30.98
N ASN A 1276 -24.11 -26.33 30.91
CA ASN A 1276 -25.48 -26.34 31.43
C ASN A 1276 -25.53 -26.17 32.95
N SER A 1277 -24.44 -26.45 33.65
CA SER A 1277 -24.41 -26.27 35.10
C SER A 1277 -24.51 -24.80 35.50
N LEU A 1278 -24.29 -23.88 34.56
CA LEU A 1278 -24.36 -22.45 34.82
C LEU A 1278 -25.72 -21.85 34.48
N ILE A 1279 -26.68 -22.66 34.06
CA ILE A 1279 -28.01 -22.16 33.74
C ILE A 1279 -28.89 -22.27 34.98
N LYS A 1280 -28.31 -22.75 36.07
CA LYS A 1280 -28.98 -22.82 37.37
C LYS A 1280 -28.39 -21.72 38.25
N GLN A 1281 -28.93 -20.51 38.12
CA GLN A 1281 -28.43 -19.35 38.84
C GLN A 1281 -29.51 -18.27 38.78
N LYS A 1282 -29.14 -17.06 39.17
CA LYS A 1282 -30.07 -15.94 39.17
C LYS A 1282 -30.47 -15.57 37.74
N THR A 1283 -31.33 -14.56 37.62
CA THR A 1283 -31.84 -14.14 36.32
C THR A 1283 -30.79 -13.43 35.47
N GLY A 1284 -29.57 -13.25 35.97
CA GLY A 1284 -28.52 -12.61 35.20
C GLY A 1284 -27.63 -13.59 34.48
N ILE A 1285 -27.22 -14.65 35.18
CA ILE A 1285 -26.30 -15.63 34.59
C ILE A 1285 -26.98 -16.38 33.46
N ALA A 1286 -28.19 -16.89 33.71
CA ALA A 1286 -28.89 -17.69 32.70
C ALA A 1286 -29.24 -16.86 31.47
N GLN A 1287 -29.63 -15.60 31.67
CA GLN A 1287 -29.96 -14.73 30.55
C GLN A 1287 -28.76 -14.53 29.64
N LEU A 1288 -27.56 -14.41 30.23
CA LEU A 1288 -26.35 -14.27 29.43
C LEU A 1288 -25.99 -15.59 28.74
N VAL A 1289 -26.07 -16.70 29.47
CA VAL A 1289 -25.66 -17.98 28.91
C VAL A 1289 -26.56 -18.41 27.77
N LYS A 1290 -27.85 -18.05 27.81
CA LYS A 1290 -28.74 -18.39 26.70
C LYS A 1290 -28.24 -17.78 25.40
N TYR A 1291 -27.94 -16.48 25.41
CA TYR A 1291 -27.41 -15.82 24.21
C TYR A 1291 -26.02 -16.33 23.87
N GLY A 1292 -25.21 -16.66 24.88
CA GLY A 1292 -23.87 -17.16 24.61
C GLY A 1292 -23.86 -18.55 24.02
N LEU A 1293 -24.92 -19.32 24.20
CA LEU A 1293 -25.02 -20.66 23.63
C LEU A 1293 -25.74 -20.69 22.29
N LYS A 1294 -26.78 -19.86 22.13
CA LYS A 1294 -27.54 -19.89 20.89
C LYS A 1294 -26.68 -19.59 19.68
N ASP A 1295 -25.90 -18.50 19.74
CA ASP A 1295 -25.09 -18.09 18.61
C ASP A 1295 -23.99 -19.11 18.34
N LEU A 1296 -23.38 -19.67 19.39
CA LEU A 1296 -22.35 -20.68 19.19
C LEU A 1296 -22.90 -21.91 18.48
N GLU A 1297 -24.07 -22.39 18.93
CA GLU A 1297 -24.69 -23.55 18.29
C GLU A 1297 -25.02 -23.24 16.83
N GLU A 1298 -25.59 -22.05 16.57
CA GLU A 1298 -25.97 -21.70 15.21
C GLU A 1298 -24.75 -21.62 14.29
N VAL A 1299 -23.66 -21.03 14.78
CA VAL A 1299 -22.46 -20.88 13.96
C VAL A 1299 -21.83 -22.25 13.71
N VAL A 1300 -21.80 -23.12 14.70
CA VAL A 1300 -21.27 -24.47 14.48
C VAL A 1300 -22.10 -25.20 13.45
N GLY A 1301 -23.43 -25.06 13.52
CA GLY A 1301 -24.28 -25.69 12.52
C GLY A 1301 -24.03 -25.18 11.12
N LEU A 1302 -23.92 -23.86 10.98
CA LEU A 1302 -23.64 -23.29 9.66
C LEU A 1302 -22.28 -23.72 9.12
N LEU A 1303 -21.28 -23.80 10.00
CA LEU A 1303 -19.97 -24.27 9.56
C LEU A 1303 -20.03 -25.74 9.14
N LYS A 1304 -20.87 -26.53 9.80
CA LYS A 1304 -21.03 -27.92 9.40
C LYS A 1304 -21.73 -28.03 8.05
N LYS A 1305 -22.69 -27.15 7.77
CA LYS A 1305 -23.42 -27.20 6.50
C LYS A 1305 -22.51 -26.88 5.32
N LEU A 1306 -21.47 -26.05 5.53
CA LEU A 1306 -20.60 -25.64 4.44
C LEU A 1306 -19.50 -26.65 4.14
N GLY A 1307 -19.42 -27.75 4.88
CA GLY A 1307 -18.43 -28.77 4.61
C GLY A 1307 -16.99 -28.34 4.84
N ILE A 1308 -16.74 -27.57 5.89
CA ILE A 1308 -15.37 -27.18 6.23
C ILE A 1308 -14.70 -28.36 6.93
N LYS A 1309 -13.59 -28.84 6.35
CA LYS A 1309 -12.93 -30.02 6.89
C LYS A 1309 -12.24 -29.71 8.22
N LEU A 1310 -11.85 -28.46 8.45
CA LEU A 1310 -11.15 -28.11 9.67
C LEU A 1310 -12.03 -28.35 10.89
N GLN A 1311 -11.45 -28.97 11.92
CA GLN A 1311 -12.20 -29.25 13.14
C GLN A 1311 -12.55 -27.96 13.85
N VAL A 1312 -13.80 -27.84 14.29
CA VAL A 1312 -14.29 -26.67 15.00
C VAL A 1312 -14.35 -27.01 16.48
N LEU A 1313 -13.55 -26.32 17.28
CA LEU A 1313 -13.54 -26.49 18.73
C LEU A 1313 -13.96 -25.17 19.39
N ILE A 1314 -14.60 -25.27 20.55
CA ILE A 1314 -15.02 -24.11 21.31
C ILE A 1314 -14.11 -23.99 22.52
N ASN A 1315 -13.49 -22.82 22.67
CA ASN A 1315 -12.53 -22.55 23.72
C ASN A 1315 -13.18 -21.70 24.80
N LEU A 1316 -13.17 -22.21 26.04
CA LEU A 1316 -13.74 -21.45 27.15
C LEU A 1316 -12.79 -20.36 27.63
N GLY A 1317 -11.48 -20.58 27.54
CA GLY A 1317 -10.52 -19.64 28.05
C GLY A 1317 -9.87 -18.75 27.00
N LEU A 1318 -10.52 -18.60 25.84
CA LEU A 1318 -9.99 -17.79 24.75
C LEU A 1318 -10.29 -16.32 25.04
N VAL A 1319 -9.27 -15.58 25.45
CA VAL A 1319 -9.37 -14.14 25.69
C VAL A 1319 -8.54 -13.43 24.62
N TYR A 1320 -9.18 -12.52 23.89
CA TYR A 1320 -8.50 -11.80 22.82
C TYR A 1320 -9.22 -10.48 22.61
N LYS A 1321 -8.64 -9.39 23.11
CA LYS A 1321 -9.19 -8.05 22.97
C LYS A 1321 -10.68 -8.01 23.33
N VAL A 1322 -10.99 -8.56 24.50
CA VAL A 1322 -12.38 -8.67 24.94
C VAL A 1322 -13.01 -7.29 25.10
N GLN A 1323 -12.20 -6.26 25.35
CA GLN A 1323 -12.71 -4.90 25.46
C GLN A 1323 -13.31 -4.40 24.15
N GLN A 1324 -12.96 -5.02 23.02
CA GLN A 1324 -13.34 -4.52 21.71
C GLN A 1324 -14.34 -5.38 20.98
N HIS A 1325 -14.65 -6.58 21.48
CA HIS A 1325 -15.60 -7.48 20.83
C HIS A 1325 -16.80 -7.70 21.73
N ASN A 1326 -18.00 -7.69 21.14
CA ASN A 1326 -19.24 -7.99 21.83
C ASN A 1326 -19.97 -9.08 21.04
N GLY A 1327 -19.62 -10.33 21.30
CA GLY A 1327 -20.23 -11.44 20.59
C GLY A 1327 -19.28 -12.59 20.37
N ILE A 1328 -19.18 -13.04 19.13
CA ILE A 1328 -18.39 -14.22 18.80
C ILE A 1328 -16.98 -13.81 18.43
N ILE A 1329 -15.98 -14.46 19.01
CA ILE A 1329 -14.58 -14.27 18.65
C ILE A 1329 -14.00 -15.62 18.27
N PHE A 1330 -13.11 -15.61 17.27
CA PHE A 1330 -12.51 -16.85 16.77
C PHE A 1330 -11.02 -16.63 16.53
N GLN A 1331 -10.30 -17.73 16.41
CA GLN A 1331 -8.85 -17.67 16.25
C GLN A 1331 -8.34 -18.97 15.66
N PHE A 1332 -7.48 -18.87 14.65
CA PHE A 1332 -6.86 -20.03 14.02
C PHE A 1332 -5.57 -20.37 14.74
N VAL A 1333 -5.43 -21.63 15.16
CA VAL A 1333 -4.26 -22.09 15.88
C VAL A 1333 -3.72 -23.34 15.21
N ALA A 1334 -2.42 -23.36 14.95
CA ALA A 1334 -1.73 -24.54 14.41
C ALA A 1334 -0.53 -24.84 15.29
N PHE A 1335 -0.39 -26.12 15.67
CA PHE A 1335 0.69 -26.55 16.55
C PHE A 1335 1.88 -26.97 15.70
N ILE A 1336 2.63 -25.98 15.25
CA ILE A 1336 3.84 -26.24 14.47
C ILE A 1336 4.92 -26.81 15.39
N LYS A 1337 5.85 -27.54 14.80
CA LYS A 1337 6.94 -28.17 15.54
C LYS A 1337 8.21 -27.35 15.33
N ARG A 1338 8.73 -26.79 16.42
CA ARG A 1338 9.95 -25.98 16.39
C ARG A 1338 10.85 -26.42 17.54
N ARG A 1339 11.96 -27.07 17.20
CA ARG A 1339 12.92 -27.57 18.20
C ARG A 1339 12.25 -28.50 19.20
N GLN A 1340 11.45 -29.43 18.69
CA GLN A 1340 10.75 -30.45 19.47
C GLN A 1340 9.79 -29.83 20.49
N ARG A 1341 9.32 -28.61 20.24
CA ARG A 1341 8.40 -27.92 21.13
C ARG A 1341 7.18 -27.46 20.33
N ALA A 1342 5.99 -27.75 20.84
CA ALA A 1342 4.75 -27.35 20.18
C ALA A 1342 4.46 -25.89 20.53
N VAL A 1343 4.69 -25.01 19.57
CA VAL A 1343 4.51 -23.57 19.74
C VAL A 1343 3.25 -23.17 18.97
N PRO A 1344 2.18 -22.75 19.65
CA PRO A 1344 0.96 -22.34 18.94
C PRO A 1344 1.15 -21.06 18.16
N GLU A 1345 1.10 -21.14 16.83
CA GLU A 1345 1.25 -19.99 15.96
C GLU A 1345 -0.13 -19.56 15.45
N ILE A 1346 -0.49 -18.32 15.76
CA ILE A 1346 -1.81 -17.80 15.38
C ILE A 1346 -1.73 -17.27 13.96
N LEU A 1347 -2.68 -17.68 13.11
CA LEU A 1347 -2.76 -17.16 11.75
C LEU A 1347 -3.74 -16.00 11.64
N ALA A 1348 -4.87 -16.04 12.34
CA ALA A 1348 -5.87 -15.01 12.20
C ALA A 1348 -6.77 -14.98 13.43
N ALA A 1349 -7.50 -13.88 13.56
CA ALA A 1349 -8.48 -13.72 14.63
C ALA A 1349 -9.39 -12.55 14.27
N GLY A 1350 -10.54 -12.49 14.95
CA GLY A 1350 -11.48 -11.43 14.67
C GLY A 1350 -12.76 -11.63 15.46
N GLY A 1351 -13.77 -10.85 15.13
CA GLY A 1351 -15.04 -10.96 15.80
C GLY A 1351 -15.93 -9.78 15.49
N ARG A 1352 -17.06 -9.73 16.21
CA ARG A 1352 -18.03 -8.64 16.06
C ARG A 1352 -17.62 -7.46 16.94
N TYR A 1353 -17.66 -6.25 16.38
CA TYR A 1353 -17.21 -5.07 17.10
C TYR A 1353 -18.15 -3.89 16.89
N ASP A 1354 -19.46 -4.14 16.92
CA ASP A 1354 -20.41 -3.06 16.69
C ASP A 1354 -20.48 -2.06 17.83
N LEU A 1355 -19.86 -2.36 18.98
CA LEU A 1355 -19.93 -1.45 20.12
C LEU A 1355 -18.96 -0.28 20.00
N LEU A 1356 -17.98 -0.37 19.09
CA LEU A 1356 -17.02 0.73 18.92
C LEU A 1356 -17.60 1.89 18.13
N ILE A 1357 -18.68 1.67 17.38
CA ILE A 1357 -19.24 2.75 16.57
C ILE A 1357 -19.77 3.91 17.40
N PRO A 1358 -20.57 3.70 18.46
CA PRO A 1358 -21.18 4.85 19.15
C PRO A 1358 -20.17 5.83 19.73
N GLN A 1359 -18.95 5.39 20.04
CA GLN A 1359 -17.96 6.30 20.60
C GLN A 1359 -17.63 7.43 19.63
N PHE A 1360 -17.45 7.10 18.36
CA PHE A 1360 -16.97 8.06 17.36
C PHE A 1360 -18.08 8.82 16.67
N ARG A 1361 -19.35 8.46 16.90
CA ARG A 1361 -20.44 9.18 16.26
C ARG A 1361 -20.53 10.61 16.79
N GLY A 1362 -20.98 11.51 15.93
CA GLY A 1362 -21.19 12.89 16.30
C GLY A 1362 -22.40 13.05 17.19
N PRO A 1363 -22.47 14.18 17.90
CA PRO A 1363 -23.65 14.41 18.76
C PRO A 1363 -24.96 14.50 17.99
N GLN A 1364 -24.92 14.86 16.71
CA GLN A 1364 -26.12 14.97 15.89
C GLN A 1364 -26.36 13.72 15.04
N ALA A 1365 -25.49 12.72 15.14
CA ALA A 1365 -25.66 11.49 14.37
C ALA A 1365 -26.88 10.71 14.86
N LEU A 1366 -27.74 10.30 13.93
CA LEU A 1366 -28.95 9.56 14.25
C LEU A 1366 -29.08 8.38 13.32
N GLY A 1367 -29.48 7.23 13.88
CA GLY A 1367 -29.66 6.02 13.10
C GLY A 1367 -29.26 4.77 13.87
N PRO A 1368 -29.71 3.62 13.40
CA PRO A 1368 -29.35 2.35 14.05
C PRO A 1368 -27.88 2.02 13.83
N VAL A 1369 -27.35 1.23 14.75
CA VAL A 1369 -25.95 0.79 14.71
C VAL A 1369 -25.91 -0.55 13.97
N PRO A 1370 -25.32 -0.63 12.79
CA PRO A 1370 -25.27 -1.90 12.05
C PRO A 1370 -24.20 -2.82 12.59
N THR A 1371 -24.33 -4.10 12.21
CA THR A 1371 -23.36 -5.11 12.59
C THR A 1371 -22.04 -4.88 11.85
N ALA A 1372 -20.98 -5.49 12.38
CA ALA A 1372 -19.66 -5.37 11.77
C ALA A 1372 -18.80 -6.54 12.22
N ILE A 1373 -18.29 -7.30 11.25
CA ILE A 1373 -17.43 -8.44 11.52
C ILE A 1373 -16.16 -8.28 10.70
N GLY A 1374 -15.00 -8.47 11.35
CA GLY A 1374 -13.73 -8.29 10.67
C GLY A 1374 -12.74 -9.37 11.07
N VAL A 1375 -11.61 -9.37 10.37
CA VAL A 1375 -10.55 -10.35 10.61
C VAL A 1375 -9.22 -9.74 10.18
N SER A 1376 -8.12 -10.34 10.66
CA SER A 1376 -6.78 -9.89 10.34
C SER A 1376 -5.88 -11.09 10.11
N ILE A 1377 -5.03 -11.02 9.09
CA ILE A 1377 -4.17 -12.12 8.68
C ILE A 1377 -2.71 -11.66 8.73
N ALA A 1378 -1.83 -12.58 9.12
CA ALA A 1378 -0.39 -12.32 9.21
C ALA A 1378 0.26 -12.82 7.93
N ILE A 1379 0.57 -11.90 7.01
CA ILE A 1379 1.13 -12.26 5.72
C ILE A 1379 2.56 -12.78 5.88
N ASP A 1380 3.33 -12.19 6.80
CA ASP A 1380 4.72 -12.59 6.97
C ASP A 1380 4.83 -14.05 7.40
N LYS A 1381 3.90 -14.52 8.21
CA LYS A 1381 3.90 -15.93 8.60
C LYS A 1381 3.70 -16.83 7.38
N ILE A 1382 2.77 -16.46 6.50
CA ILE A 1382 2.54 -17.25 5.29
C ILE A 1382 3.79 -17.27 4.42
N SER A 1383 4.42 -16.10 4.25
CA SER A 1383 5.63 -16.04 3.42
C SER A 1383 6.74 -16.88 3.99
N ALA A 1384 6.95 -16.81 5.31
CA ALA A 1384 7.99 -17.62 5.94
C ALA A 1384 7.69 -19.11 5.83
N ALA A 1385 6.41 -19.49 5.98
CA ALA A 1385 6.04 -20.90 5.87
C ALA A 1385 6.27 -21.41 4.45
N VAL A 1386 5.91 -20.62 3.44
CA VAL A 1386 6.09 -21.06 2.06
C VAL A 1386 7.56 -21.13 1.68
N LEU A 1387 8.34 -20.12 2.07
CA LEU A 1387 9.75 -20.09 1.71
C LEU A 1387 10.56 -21.19 2.38
N ASN A 1388 10.06 -21.77 3.47
CA ASN A 1388 10.77 -22.82 4.19
C ASN A 1388 10.54 -24.20 3.60
N MET A 1389 9.56 -24.35 2.69
CA MET A 1389 9.24 -25.66 2.14
C MET A 1389 10.42 -26.23 1.36
N GLU A 1390 10.63 -27.53 1.50
CA GLU A 1390 11.72 -28.20 0.79
C GLU A 1390 11.52 -28.10 -0.73
N GLU A 1391 10.30 -28.36 -1.19
CA GLU A 1391 9.97 -28.22 -2.61
C GLU A 1391 9.72 -26.74 -2.89
N SER A 1392 10.82 -25.99 -2.98
CA SER A 1392 10.74 -24.54 -3.09
C SER A 1392 10.00 -24.12 -4.34
N VAL A 1393 9.12 -23.13 -4.20
CA VAL A 1393 8.37 -22.58 -5.32
C VAL A 1393 9.25 -21.60 -6.07
N THR A 1394 9.41 -21.82 -7.38
CA THR A 1394 10.26 -20.99 -8.21
C THR A 1394 9.39 -19.96 -8.93
N ILE A 1395 9.71 -18.69 -8.73
CA ILE A 1395 8.99 -17.58 -9.36
C ILE A 1395 9.92 -16.94 -10.39
N SER A 1396 9.43 -16.79 -11.61
CA SER A 1396 10.21 -16.24 -12.71
C SER A 1396 9.82 -14.78 -12.94
N SER A 1397 10.82 -13.90 -12.91
CA SER A 1397 10.56 -12.48 -13.16
C SER A 1397 10.11 -12.25 -14.60
N CYS A 1398 10.75 -12.91 -15.56
CA CYS A 1398 10.39 -12.79 -16.96
C CYS A 1398 10.54 -14.15 -17.63
N ASP A 1399 9.67 -14.41 -18.61
CA ASP A 1399 9.70 -15.69 -19.31
C ASP A 1399 10.90 -15.79 -20.24
N LEU A 1400 11.17 -14.74 -21.02
CA LEU A 1400 12.22 -14.73 -22.01
C LEU A 1400 13.14 -13.54 -21.79
N LEU A 1401 14.44 -13.78 -21.92
CA LEU A 1401 15.47 -12.75 -21.81
C LEU A 1401 16.15 -12.58 -23.15
N VAL A 1402 16.14 -11.36 -23.68
CA VAL A 1402 16.69 -11.07 -24.99
C VAL A 1402 18.12 -10.58 -24.82
N VAL A 1403 19.06 -11.26 -25.45
CA VAL A 1403 20.49 -10.94 -25.35
C VAL A 1403 21.00 -10.67 -26.76
N SER A 1404 21.71 -9.56 -26.93
CA SER A 1404 22.31 -9.19 -28.20
C SER A 1404 23.79 -9.55 -28.19
N VAL A 1405 24.32 -9.91 -29.36
CA VAL A 1405 25.73 -10.23 -29.53
C VAL A 1405 26.30 -9.25 -30.55
N GLY A 1406 27.30 -8.49 -30.13
CA GLY A 1406 27.87 -7.46 -30.97
C GLY A 1406 27.10 -6.15 -30.90
N GLN A 1407 27.76 -5.08 -31.31
CA GLN A 1407 27.15 -3.76 -31.27
C GLN A 1407 26.12 -3.54 -32.36
N MET A 1408 26.22 -4.25 -33.48
CA MET A 1408 25.34 -4.04 -34.61
C MET A 1408 23.99 -4.76 -34.48
N SER A 1409 23.85 -5.64 -33.48
CA SER A 1409 22.60 -6.36 -33.28
C SER A 1409 21.71 -5.76 -32.21
N MET A 1410 22.07 -4.59 -31.67
CA MET A 1410 21.27 -3.98 -30.62
C MET A 1410 19.90 -3.55 -31.14
N SER A 1411 19.87 -2.96 -32.34
CA SER A 1411 18.58 -2.53 -32.90
C SER A 1411 17.67 -3.71 -33.17
N ARG A 1412 18.22 -4.81 -33.68
CA ARG A 1412 17.42 -6.01 -33.92
C ARG A 1412 16.82 -6.54 -32.64
N ALA A 1413 17.63 -6.62 -31.57
CA ALA A 1413 17.11 -7.09 -30.29
C ALA A 1413 16.05 -6.14 -29.74
N ILE A 1414 16.26 -4.83 -29.92
CA ILE A 1414 15.30 -3.85 -29.40
C ILE A 1414 13.96 -4.01 -30.10
N ASN A 1415 13.96 -4.11 -31.44
CA ASN A 1415 12.69 -4.24 -32.15
C ASN A 1415 12.05 -5.60 -31.89
N LEU A 1416 12.85 -6.65 -31.74
CA LEU A 1416 12.29 -7.96 -31.39
C LEU A 1416 11.60 -7.93 -30.04
N THR A 1417 12.24 -7.30 -29.05
CA THR A 1417 11.63 -7.20 -27.72
C THR A 1417 10.38 -6.33 -27.74
N GLN A 1418 10.40 -5.26 -28.53
CA GLN A 1418 9.19 -4.43 -28.67
C GLN A 1418 8.05 -5.23 -29.27
N LYS A 1419 8.34 -6.03 -30.31
CA LYS A 1419 7.31 -6.87 -30.91
C LYS A 1419 6.79 -7.91 -29.91
N LEU A 1420 7.70 -8.50 -29.13
CA LEU A 1420 7.28 -9.48 -28.13
C LEU A 1420 6.38 -8.84 -27.07
N TRP A 1421 6.71 -7.62 -26.64
CA TRP A 1421 5.85 -6.91 -25.69
C TRP A 1421 4.50 -6.62 -26.30
N THR A 1422 4.47 -6.27 -27.59
CA THR A 1422 3.20 -6.00 -28.27
C THR A 1422 2.28 -7.21 -28.22
N ALA A 1423 2.84 -8.42 -28.19
CA ALA A 1423 2.06 -9.65 -28.20
C ALA A 1423 1.68 -10.13 -26.80
N GLY A 1424 2.02 -9.37 -25.75
CA GLY A 1424 1.62 -9.71 -24.41
C GLY A 1424 2.58 -10.55 -23.62
N ILE A 1425 3.69 -11.00 -24.21
CA ILE A 1425 4.66 -11.81 -23.49
C ILE A 1425 5.61 -10.89 -22.72
N THR A 1426 5.86 -11.24 -21.46
CA THR A 1426 6.75 -10.44 -20.62
C THR A 1426 8.20 -10.83 -20.91
N ALA A 1427 8.98 -9.86 -21.41
CA ALA A 1427 10.37 -10.11 -21.75
C ALA A 1427 11.23 -8.96 -21.27
N GLU A 1428 12.44 -9.29 -20.82
CA GLU A 1428 13.43 -8.32 -20.36
C GLU A 1428 14.63 -8.34 -21.31
N ILE A 1429 15.13 -7.15 -21.64
CA ILE A 1429 16.21 -7.00 -22.62
C ILE A 1429 17.47 -6.59 -21.89
N MET A 1430 18.56 -7.34 -22.11
CA MET A 1430 19.84 -6.99 -21.53
C MET A 1430 20.43 -5.77 -22.23
N TYR A 1431 21.27 -5.04 -21.50
CA TYR A 1431 21.77 -3.74 -21.95
C TYR A 1431 23.16 -3.80 -22.56
N ASP A 1432 24.03 -4.68 -22.07
CA ASP A 1432 25.38 -4.78 -22.61
C ASP A 1432 25.44 -5.74 -23.78
N TRP A 1433 26.54 -5.66 -24.54
CA TRP A 1433 26.75 -6.52 -25.70
C TRP A 1433 28.06 -7.28 -25.69
N SER A 1434 29.05 -6.85 -24.91
CA SER A 1434 30.32 -7.55 -24.81
C SER A 1434 30.34 -8.59 -23.69
N GLN A 1435 29.16 -9.01 -23.23
CA GLN A 1435 29.10 -9.98 -22.15
C GLN A 1435 29.52 -11.36 -22.63
N SER A 1436 30.41 -12.00 -21.88
CA SER A 1436 30.85 -13.34 -22.22
C SER A 1436 29.75 -14.36 -21.92
N GLN A 1437 29.94 -15.57 -22.44
CA GLN A 1437 28.95 -16.63 -22.24
C GLN A 1437 28.85 -17.01 -20.77
N GLU A 1438 30.00 -17.10 -20.08
CA GLU A 1438 29.99 -17.47 -18.66
C GLU A 1438 29.26 -16.42 -17.83
N GLU A 1439 29.49 -15.14 -18.13
CA GLU A 1439 28.79 -14.07 -17.41
C GLU A 1439 27.28 -14.15 -17.66
N LEU A 1440 26.88 -14.45 -18.90
CA LEU A 1440 25.47 -14.60 -19.20
C LEU A 1440 24.86 -15.75 -18.42
N GLN A 1441 25.57 -16.89 -18.35
CA GLN A 1441 25.06 -18.03 -17.60
C GLN A 1441 24.93 -17.70 -16.12
N GLU A 1442 25.92 -17.01 -15.55
CA GLU A 1442 25.85 -16.62 -14.14
C GLU A 1442 24.68 -15.66 -13.89
N TYR A 1443 24.49 -14.69 -14.79
CA TYR A 1443 23.38 -13.75 -14.65
C TYR A 1443 22.04 -14.47 -14.73
N CYS A 1444 21.91 -15.43 -15.65
CA CYS A 1444 20.66 -16.16 -15.77
C CYS A 1444 20.40 -17.02 -14.54
N ARG A 1445 21.44 -17.66 -14.00
CA ARG A 1445 21.27 -18.49 -12.80
C ARG A 1445 20.89 -17.64 -11.60
N HIS A 1446 21.52 -16.46 -11.46
CA HIS A 1446 21.28 -15.64 -10.28
C HIS A 1446 19.86 -15.07 -10.25
N HIS A 1447 19.34 -14.68 -11.42
CA HIS A 1447 18.02 -14.09 -11.51
C HIS A 1447 16.91 -15.10 -11.76
N GLU A 1448 17.24 -16.40 -11.83
CA GLU A 1448 16.27 -17.46 -12.07
C GLU A 1448 15.52 -17.23 -13.39
N ILE A 1449 16.30 -17.27 -14.47
CA ILE A 1449 15.79 -17.14 -15.83
C ILE A 1449 16.17 -18.41 -16.60
N THR A 1450 15.20 -19.01 -17.28
CA THR A 1450 15.40 -20.27 -17.97
C THR A 1450 15.49 -20.15 -19.49
N TYR A 1451 14.88 -19.13 -20.07
CA TYR A 1451 14.84 -18.97 -21.53
C TYR A 1451 15.55 -17.69 -21.93
N VAL A 1452 16.45 -17.80 -22.90
CA VAL A 1452 17.17 -16.64 -23.44
C VAL A 1452 17.18 -16.75 -24.96
N ALA A 1453 17.15 -15.59 -25.62
CA ALA A 1453 17.15 -15.51 -27.08
C ALA A 1453 18.37 -14.71 -27.52
N LEU A 1454 19.34 -15.39 -28.12
CA LEU A 1454 20.55 -14.76 -28.62
C LEU A 1454 20.34 -14.27 -30.04
N VAL A 1455 20.57 -12.97 -30.26
CA VAL A 1455 20.34 -12.33 -31.54
C VAL A 1455 21.68 -11.94 -32.14
N SER A 1456 21.92 -12.33 -33.39
CA SER A 1456 23.13 -11.98 -34.10
C SER A 1456 22.82 -11.90 -35.59
N ASP A 1457 23.66 -11.17 -36.31
CA ASP A 1457 23.52 -11.01 -37.75
C ASP A 1457 24.31 -12.04 -38.54
N LYS A 1458 24.99 -12.98 -37.87
CA LYS A 1458 25.72 -14.03 -38.55
C LYS A 1458 24.82 -15.17 -39.01
N GLU A 1459 23.56 -15.20 -38.57
CA GLU A 1459 22.62 -16.25 -38.97
C GLU A 1459 21.39 -15.69 -39.67
N GLY A 1460 21.49 -14.49 -40.23
CA GLY A 1460 20.38 -13.91 -40.97
C GLY A 1460 19.19 -13.66 -40.07
N SER A 1461 18.03 -14.19 -40.47
CA SER A 1461 16.78 -14.00 -39.74
C SER A 1461 16.49 -15.15 -38.77
N HIS A 1462 17.53 -15.80 -38.26
CA HIS A 1462 17.37 -16.90 -37.32
C HIS A 1462 17.87 -16.48 -35.93
N VAL A 1463 17.15 -16.91 -34.90
CA VAL A 1463 17.47 -16.58 -33.52
C VAL A 1463 17.69 -17.89 -32.78
N LYS A 1464 18.87 -18.03 -32.18
CA LYS A 1464 19.20 -19.24 -31.43
C LYS A 1464 18.64 -19.11 -30.01
N VAL A 1465 17.64 -19.94 -29.70
CA VAL A 1465 16.97 -19.90 -28.40
C VAL A 1465 17.63 -20.96 -27.51
N LYS A 1466 18.16 -20.52 -26.37
CA LYS A 1466 18.83 -21.40 -25.43
C LYS A 1466 17.97 -21.63 -24.20
N SER A 1467 18.13 -22.79 -23.58
CA SER A 1467 17.37 -23.17 -22.39
C SER A 1467 18.31 -23.77 -21.36
N PHE A 1468 18.05 -23.46 -20.09
CA PHE A 1468 18.85 -23.96 -18.97
C PHE A 1468 17.99 -24.82 -18.05
N GLU A 1469 17.15 -25.67 -18.63
CA GLU A 1469 16.25 -26.52 -17.85
C GLU A 1469 17.04 -27.65 -17.19
N LYS A 1470 17.21 -27.54 -15.87
CA LYS A 1470 17.91 -28.56 -15.07
C LYS A 1470 19.30 -28.84 -15.62
N GLU A 1471 19.67 -30.12 -15.69
CA GLU A 1471 20.99 -30.52 -16.15
C GLU A 1471 21.06 -30.72 -17.66
N ARG A 1472 19.95 -30.61 -18.37
CA ARG A 1472 19.91 -30.79 -19.82
C ARG A 1472 19.88 -29.44 -20.50
N GLN A 1473 20.83 -29.20 -21.40
CA GLN A 1473 20.93 -27.96 -22.14
C GLN A 1473 20.48 -28.19 -23.58
N THR A 1474 19.50 -27.41 -24.03
CA THR A 1474 18.94 -27.54 -25.36
C THR A 1474 19.16 -26.25 -26.14
N GLU A 1475 19.74 -26.38 -27.33
CA GLU A 1475 19.92 -25.26 -28.24
C GLU A 1475 19.14 -25.52 -29.52
N LYS A 1476 18.29 -24.58 -29.91
CA LYS A 1476 17.43 -24.73 -31.06
C LYS A 1476 17.48 -23.47 -31.92
N ARG A 1477 17.35 -23.65 -33.22
CA ARG A 1477 17.31 -22.55 -34.18
C ARG A 1477 15.86 -22.27 -34.53
N VAL A 1478 15.41 -21.05 -34.26
CA VAL A 1478 14.02 -20.65 -34.41
C VAL A 1478 13.94 -19.48 -35.36
N LEU A 1479 13.03 -19.56 -36.34
CA LEU A 1479 12.83 -18.45 -37.25
C LEU A 1479 12.29 -17.23 -36.49
N GLU A 1480 12.71 -16.04 -36.93
CA GLU A 1480 12.32 -14.82 -36.25
C GLU A 1480 10.81 -14.61 -36.32
N THR A 1481 10.21 -14.91 -37.48
CA THR A 1481 8.77 -14.70 -37.65
C THR A 1481 7.93 -15.59 -36.74
N GLU A 1482 8.51 -16.68 -36.22
CA GLU A 1482 7.76 -17.62 -35.39
C GLU A 1482 8.30 -17.69 -33.96
N LEU A 1483 9.03 -16.65 -33.51
CA LEU A 1483 9.52 -16.65 -32.14
C LEU A 1483 8.39 -16.44 -31.15
N VAL A 1484 7.47 -15.52 -31.45
CA VAL A 1484 6.34 -15.27 -30.56
C VAL A 1484 5.46 -16.51 -30.45
N ASP A 1485 5.21 -17.18 -31.58
CA ASP A 1485 4.42 -18.41 -31.56
C ASP A 1485 5.11 -19.50 -30.75
N HIS A 1486 6.43 -19.62 -30.90
CA HIS A 1486 7.16 -20.61 -30.12
C HIS A 1486 7.08 -20.32 -28.62
N VAL A 1487 7.23 -19.05 -28.25
CA VAL A 1487 7.16 -18.68 -26.83
C VAL A 1487 5.77 -18.97 -26.27
N LEU A 1488 4.72 -18.60 -27.03
CA LEU A 1488 3.37 -18.87 -26.57
C LEU A 1488 3.09 -20.36 -26.45
N GLN A 1489 3.57 -21.15 -27.40
CA GLN A 1489 3.38 -22.60 -27.34
C GLN A 1489 4.10 -23.18 -26.13
N LYS A 1490 5.33 -22.73 -25.87
CA LYS A 1490 6.06 -23.22 -24.70
C LYS A 1490 5.36 -22.84 -23.41
N LEU A 1491 4.84 -21.61 -23.33
CA LEU A 1491 4.14 -21.19 -22.12
C LEU A 1491 2.86 -21.98 -21.91
N ARG A 1492 2.11 -22.24 -22.98
CA ARG A 1492 0.86 -23.00 -22.85
C ARG A 1492 1.13 -24.48 -22.58
N THR A 1493 2.27 -24.99 -23.02
CA THR A 1493 2.58 -26.41 -22.80
C THR A 1493 2.73 -26.73 -21.32
N LYS A 1494 3.38 -25.85 -20.57
CA LYS A 1494 3.57 -26.06 -19.14
C LYS A 1494 3.01 -24.90 -18.32
N LEU B 1012 12.36 32.08 30.09
CA LEU B 1012 11.88 30.92 29.34
C LEU B 1012 12.90 30.49 28.29
N HIS B 1013 13.42 31.47 27.55
CA HIS B 1013 14.40 31.18 26.50
C HIS B 1013 15.68 30.58 27.09
N GLU B 1014 16.16 31.16 28.19
CA GLU B 1014 17.38 30.66 28.81
C GLU B 1014 17.19 29.26 29.35
N VAL B 1015 16.06 29.01 30.02
CA VAL B 1015 15.79 27.68 30.58
C VAL B 1015 15.64 26.67 29.45
N LEU B 1016 14.93 27.04 28.39
CA LEU B 1016 14.77 26.13 27.26
C LEU B 1016 16.10 25.80 26.60
N HIS B 1017 16.95 26.82 26.41
CA HIS B 1017 18.26 26.58 25.82
C HIS B 1017 19.12 25.69 26.70
N HIS B 1018 19.09 25.92 28.01
CA HIS B 1018 19.85 25.08 28.92
C HIS B 1018 19.36 23.63 28.90
N THR B 1019 18.04 23.44 28.84
CA THR B 1019 17.50 22.09 28.75
C THR B 1019 17.90 21.42 27.44
N LEU B 1020 17.83 22.15 26.33
CA LEU B 1020 18.20 21.62 25.02
C LEU B 1020 19.70 21.34 24.90
N THR B 1021 20.53 22.01 25.69
CA THR B 1021 21.98 21.83 25.60
C THR B 1021 22.42 20.40 25.87
N ASN B 1022 21.65 19.63 26.64
CA ASN B 1022 21.97 18.24 26.94
C ASN B 1022 20.70 17.42 26.67
N VAL B 1023 20.60 16.86 25.47
CA VAL B 1023 19.42 16.07 25.09
C VAL B 1023 19.30 14.79 25.89
N ASP B 1024 20.38 14.31 26.49
CA ASP B 1024 20.35 13.12 27.33
C ASP B 1024 20.27 13.45 28.80
N GLY B 1025 20.12 14.72 29.16
CA GLY B 1025 20.05 15.11 30.55
C GLY B 1025 18.70 14.81 31.17
N LYS B 1026 18.68 14.84 32.51
CA LYS B 1026 17.45 14.57 33.24
C LYS B 1026 16.42 15.66 33.00
N ALA B 1027 16.86 16.92 32.89
CA ALA B 1027 15.93 18.02 32.67
C ALA B 1027 15.21 17.87 31.33
N TYR B 1028 15.94 17.52 30.28
CA TYR B 1028 15.31 17.34 28.97
C TYR B 1028 14.33 16.18 28.99
N ARG B 1029 14.71 15.06 29.62
CA ARG B 1029 13.83 13.90 29.67
C ARG B 1029 12.55 14.21 30.44
N THR B 1030 12.67 14.91 31.56
CA THR B 1030 11.50 15.28 32.33
C THR B 1030 10.62 16.28 31.57
N MET B 1031 11.25 17.23 30.87
CA MET B 1031 10.51 18.25 30.15
C MET B 1031 9.72 17.63 29.00
N MET B 1032 10.34 16.67 28.30
CA MET B 1032 9.68 16.02 27.18
C MET B 1032 8.41 15.30 27.63
N ALA B 1033 8.47 14.65 28.79
CA ALA B 1033 7.30 13.94 29.32
C ALA B 1033 6.15 14.90 29.62
N GLN B 1034 6.46 16.07 30.18
CA GLN B 1034 5.42 17.02 30.55
C GLN B 1034 4.69 17.56 29.33
N ILE B 1035 5.38 17.67 28.21
CA ILE B 1035 4.78 18.19 26.97
C ILE B 1035 4.26 17.01 26.17
N PHE B 1036 4.20 15.84 26.81
CA PHE B 1036 3.74 14.62 26.17
C PHE B 1036 2.55 13.98 26.88
N SER B 1037 2.22 14.42 28.11
CA SER B 1037 1.12 13.85 28.87
C SER B 1037 -0.06 14.81 29.02
N GLN B 1038 -0.09 15.89 28.23
CA GLN B 1038 -1.19 16.84 28.33
C GLN B 1038 -2.49 16.23 27.81
N ARG B 1039 -3.60 16.62 28.41
CA ARG B 1039 -4.90 16.12 28.02
C ARG B 1039 -5.36 16.74 26.71
N ILE B 1040 -6.23 16.03 26.01
CA ILE B 1040 -6.80 16.46 24.73
C ILE B 1040 -8.30 16.61 24.90
N SER B 1041 -8.82 17.77 24.54
CA SER B 1041 -10.26 18.00 24.64
C SER B 1041 -11.01 17.21 23.57
N PRO B 1042 -12.23 16.75 23.89
CA PRO B 1042 -13.00 15.97 22.89
C PRO B 1042 -13.29 16.73 21.61
N ALA B 1043 -13.52 18.05 21.68
CA ALA B 1043 -13.80 18.81 20.48
C ALA B 1043 -12.61 18.82 19.53
N ILE B 1044 -11.41 18.98 20.07
CA ILE B 1044 -10.21 18.93 19.24
C ILE B 1044 -10.05 17.56 18.60
N ASP B 1045 -10.30 16.50 19.36
CA ASP B 1045 -10.21 15.14 18.81
C ASP B 1045 -11.21 14.93 17.69
N TYR B 1046 -12.43 15.43 17.86
CA TYR B 1046 -13.46 15.24 16.83
C TYR B 1046 -13.17 16.07 15.59
N THR B 1047 -12.64 17.28 15.77
CA THR B 1047 -12.45 18.21 14.67
C THR B 1047 -11.09 18.06 13.98
N TYR B 1048 -10.28 17.09 14.40
CA TYR B 1048 -8.93 16.96 13.84
C TYR B 1048 -8.97 16.66 12.35
N ASP B 1049 -9.86 15.78 11.91
CA ASP B 1049 -9.98 15.40 10.51
C ASP B 1049 -11.40 15.57 10.02
N SER B 1050 -11.99 16.74 10.33
CA SER B 1050 -13.33 17.06 9.87
C SER B 1050 -13.40 17.32 8.37
N ASP B 1051 -12.26 17.47 7.70
CA ASP B 1051 -12.24 17.70 6.26
C ASP B 1051 -12.03 16.44 5.45
N ILE B 1052 -11.56 15.36 6.07
CA ILE B 1052 -11.35 14.09 5.37
C ILE B 1052 -12.62 13.26 5.43
N LEU B 1053 -13.06 12.92 6.66
CA LEU B 1053 -14.26 12.12 6.85
C LEU B 1053 -15.48 13.04 6.92
N LYS B 1054 -15.87 13.56 5.75
CA LYS B 1054 -17.01 14.45 5.67
C LYS B 1054 -18.29 13.73 6.08
N GLY B 1055 -18.49 12.50 5.61
CA GLY B 1055 -19.67 11.74 5.94
C GLY B 1055 -20.29 11.04 4.74
N ASN B 1056 -20.21 11.68 3.57
CA ASN B 1056 -20.70 11.06 2.36
C ASN B 1056 -19.75 9.96 1.89
N PHE B 1057 -20.30 9.00 1.16
CA PHE B 1057 -19.52 7.87 0.66
C PHE B 1057 -20.01 7.48 -0.72
N SER B 1058 -19.11 6.93 -1.52
CA SER B 1058 -19.44 6.42 -2.84
C SER B 1058 -18.51 5.26 -3.16
N ILE B 1059 -19.08 4.17 -3.68
CA ILE B 1059 -18.29 2.99 -4.03
C ILE B 1059 -17.75 3.03 -5.45
N ARG B 1060 -18.35 3.84 -6.33
CA ARG B 1060 -17.86 3.94 -7.69
C ARG B 1060 -16.44 4.47 -7.75
N THR B 1061 -16.13 5.48 -6.92
CA THR B 1061 -14.79 6.04 -6.90
C THR B 1061 -13.76 5.01 -6.46
N ALA B 1062 -14.07 4.23 -5.42
CA ALA B 1062 -13.15 3.21 -4.95
C ALA B 1062 -12.95 2.14 -6.01
N LYS B 1063 -14.02 1.71 -6.68
CA LYS B 1063 -13.88 0.70 -7.73
C LYS B 1063 -13.03 1.23 -8.87
N MET B 1064 -13.25 2.49 -9.27
CA MET B 1064 -12.48 3.08 -10.36
C MET B 1064 -11.00 3.18 -10.00
N GLN B 1065 -10.70 3.60 -8.78
CA GLN B 1065 -9.33 3.70 -8.34
C GLN B 1065 -8.66 2.33 -8.31
N GLN B 1066 -9.38 1.31 -7.84
CA GLN B 1066 -8.84 -0.05 -7.85
C GLN B 1066 -8.54 -0.51 -9.26
N HIS B 1067 -9.46 -0.25 -10.21
CA HIS B 1067 -9.24 -0.67 -11.58
C HIS B 1067 -8.03 0.02 -12.20
N VAL B 1068 -7.90 1.33 -11.98
CA VAL B 1068 -6.77 2.08 -12.55
C VAL B 1068 -5.46 1.57 -11.96
N CYS B 1069 -5.42 1.37 -10.64
CA CYS B 1069 -4.20 0.86 -10.02
C CYS B 1069 -3.85 -0.52 -10.53
N GLU B 1070 -4.86 -1.38 -10.72
CA GLU B 1070 -4.60 -2.73 -11.22
C GLU B 1070 -4.04 -2.69 -12.64
N THR B 1071 -4.60 -1.84 -13.50
CA THR B 1071 -4.08 -1.73 -14.86
C THR B 1071 -2.63 -1.25 -14.87
N ILE B 1072 -2.35 -0.19 -14.10
CA ILE B 1072 -0.99 0.34 -14.05
C ILE B 1072 -0.02 -0.70 -13.50
N ILE B 1073 -0.46 -1.46 -12.49
CA ILE B 1073 0.38 -2.52 -11.94
C ILE B 1073 0.65 -3.59 -12.99
N ARG B 1074 -0.37 -3.94 -13.77
CA ARG B 1074 -0.21 -4.97 -14.79
C ARG B 1074 0.78 -4.55 -15.86
N ILE B 1075 0.74 -3.28 -16.27
CA ILE B 1075 1.67 -2.81 -17.30
C ILE B 1075 3.11 -2.92 -16.82
N PHE B 1076 3.37 -2.54 -15.57
CA PHE B 1076 4.74 -2.55 -15.06
C PHE B 1076 5.31 -3.97 -14.99
N LYS B 1077 4.49 -4.93 -14.59
CA LYS B 1077 4.98 -6.30 -14.44
C LYS B 1077 5.39 -6.94 -15.75
N ARG B 1078 4.93 -6.39 -16.88
CA ARG B 1078 5.29 -6.92 -18.19
C ARG B 1078 6.77 -6.73 -18.50
N HIS B 1079 7.42 -5.76 -17.87
CA HIS B 1079 8.82 -5.46 -18.15
C HIS B 1079 9.80 -6.18 -17.24
N GLY B 1080 9.32 -7.07 -16.37
CA GLY B 1080 10.18 -7.76 -15.44
C GLY B 1080 10.40 -7.04 -14.13
N ALA B 1081 9.54 -6.11 -13.78
CA ALA B 1081 9.70 -5.31 -12.56
C ALA B 1081 9.28 -6.11 -11.33
N VAL B 1082 9.69 -5.61 -10.16
CA VAL B 1082 9.32 -6.18 -8.88
C VAL B 1082 8.90 -5.04 -7.96
N GLN B 1083 8.16 -5.39 -6.91
CA GLN B 1083 7.66 -4.41 -5.96
C GLN B 1083 8.56 -4.36 -4.73
N LEU B 1084 8.96 -3.15 -4.34
CA LEU B 1084 9.81 -2.94 -3.18
C LEU B 1084 9.26 -1.79 -2.35
N CYS B 1085 9.59 -1.81 -1.06
CA CYS B 1085 9.11 -0.79 -0.12
C CYS B 1085 10.28 -0.25 0.67
N THR B 1086 10.12 0.97 1.16
CA THR B 1086 11.15 1.69 1.90
C THR B 1086 10.61 2.14 3.25
N PRO B 1087 11.48 2.32 4.24
CA PRO B 1087 11.01 2.76 5.56
C PRO B 1087 10.28 4.09 5.49
N LEU B 1088 9.26 4.24 6.34
CA LEU B 1088 8.38 5.40 6.25
C LEU B 1088 9.06 6.65 6.77
N LEU B 1089 9.75 6.56 7.91
CA LEU B 1089 10.28 7.73 8.60
C LEU B 1089 11.78 7.87 8.32
N LEU B 1090 12.19 9.07 7.95
CA LEU B 1090 13.60 9.39 7.72
C LEU B 1090 13.97 10.64 8.49
N PRO B 1091 15.21 10.74 8.96
CA PRO B 1091 15.63 11.94 9.70
C PRO B 1091 15.54 13.19 8.85
N ARG B 1092 15.28 14.31 9.52
CA ARG B 1092 15.12 15.58 8.81
C ARG B 1092 16.43 16.03 8.20
N ASN B 1093 16.35 16.56 6.98
CA ASN B 1093 17.52 17.11 6.28
C ASN B 1093 17.06 18.41 5.61
N ARG B 1094 17.44 19.54 6.21
CA ARG B 1094 17.03 20.84 5.70
C ARG B 1094 17.78 21.24 4.43
N GLN B 1095 18.85 20.54 4.08
CA GLN B 1095 19.60 20.87 2.87
C GLN B 1095 18.76 20.65 1.62
N ILE B 1096 18.00 19.55 1.58
CA ILE B 1096 17.25 19.18 0.39
C ILE B 1096 15.88 19.85 0.35
N TYR B 1097 15.22 19.98 1.49
CA TYR B 1097 13.85 20.49 1.56
C TYR B 1097 13.80 21.87 2.21
N GLU B 1098 14.77 22.72 1.87
CA GLU B 1098 14.80 24.06 2.45
C GLU B 1098 13.57 24.88 2.03
N HIS B 1099 13.17 24.80 0.77
CA HIS B 1099 12.02 25.53 0.27
C HIS B 1099 10.76 24.68 0.19
N ASN B 1100 10.88 23.43 -0.25
CA ASN B 1100 9.74 22.52 -0.32
C ASN B 1100 9.27 22.19 1.08
N GLU B 1101 8.08 22.65 1.44
CA GLU B 1101 7.56 22.47 2.79
C GLU B 1101 6.98 21.07 2.95
N ALA B 1102 7.50 20.33 3.93
CA ALA B 1102 7.06 18.96 4.20
C ALA B 1102 6.53 18.87 5.63
N ALA B 1103 5.78 17.80 5.88
CA ALA B 1103 5.23 17.58 7.21
C ALA B 1103 6.33 17.23 8.19
N LEU B 1104 6.33 17.90 9.35
CA LEU B 1104 7.37 17.75 10.35
C LEU B 1104 6.78 17.15 11.62
N PHE B 1105 7.44 16.13 12.15
CA PHE B 1105 6.99 15.46 13.36
C PHE B 1105 8.18 15.16 14.25
N MET B 1106 7.91 15.05 15.55
CA MET B 1106 8.92 14.79 16.56
C MET B 1106 8.43 13.69 17.48
N ASP B 1107 9.34 12.80 17.87
CA ASP B 1107 8.98 11.61 18.65
C ASP B 1107 9.27 11.85 20.14
N HIS B 1108 9.11 10.78 20.92
CA HIS B 1108 9.25 10.87 22.37
C HIS B 1108 10.70 10.90 22.83
N SER B 1109 11.66 10.65 21.93
CA SER B 1109 13.07 10.64 22.29
C SER B 1109 13.77 11.95 21.98
N GLY B 1110 13.05 12.96 21.51
CA GLY B 1110 13.65 14.23 21.18
C GLY B 1110 14.14 14.38 19.76
N MET B 1111 14.00 13.36 18.93
CA MET B 1111 14.45 13.44 17.55
C MET B 1111 13.54 14.34 16.73
N LEU B 1112 13.91 14.54 15.47
CA LEU B 1112 13.04 15.18 14.48
C LEU B 1112 12.99 14.29 13.25
N VAL B 1113 11.78 13.99 12.79
CA VAL B 1113 11.58 13.12 11.64
C VAL B 1113 10.59 13.78 10.70
N MET B 1114 10.57 13.28 9.46
CA MET B 1114 9.76 13.85 8.41
C MET B 1114 8.99 12.75 7.69
N LEU B 1115 7.72 13.00 7.42
CA LEU B 1115 6.95 12.11 6.56
C LEU B 1115 7.47 12.21 5.13
N PRO B 1116 7.49 11.09 4.40
CA PRO B 1116 8.14 11.09 3.07
C PRO B 1116 7.47 12.04 2.10
N PHE B 1117 8.23 13.03 1.63
CA PHE B 1117 7.74 13.94 0.61
C PHE B 1117 7.74 13.30 -0.77
N ASP B 1118 8.72 12.43 -1.05
CA ASP B 1118 8.79 11.70 -2.31
C ASP B 1118 9.55 10.41 -2.08
N LEU B 1119 9.42 9.50 -3.05
CA LEU B 1119 10.00 8.16 -2.93
C LEU B 1119 11.38 8.05 -3.56
N ARG B 1120 11.88 9.10 -4.20
CA ARG B 1120 13.18 9.03 -4.86
CA ARG B 1120 13.19 9.02 -4.85
C ARG B 1120 14.33 8.98 -3.84
N ILE B 1121 14.29 9.85 -2.83
CA ILE B 1121 15.35 9.93 -1.83
C ILE B 1121 15.41 8.68 -0.95
N PRO B 1122 14.28 8.16 -0.43
CA PRO B 1122 14.37 6.90 0.32
C PRO B 1122 14.94 5.75 -0.49
N PHE B 1123 14.59 5.66 -1.78
CA PHE B 1123 15.15 4.58 -2.59
C PHE B 1123 16.62 4.81 -2.91
N ALA B 1124 17.03 6.07 -3.07
CA ALA B 1124 18.45 6.36 -3.23
C ALA B 1124 19.23 5.93 -1.99
N ARG B 1125 18.70 6.21 -0.81
CA ARG B 1125 19.33 5.76 0.42
C ARG B 1125 19.36 4.24 0.50
N TYR B 1126 18.27 3.58 0.08
CA TYR B 1126 18.20 2.13 0.08
C TYR B 1126 19.28 1.54 -0.82
N VAL B 1127 19.43 2.10 -2.03
CA VAL B 1127 20.44 1.61 -2.97
C VAL B 1127 21.84 1.85 -2.41
N ALA B 1128 22.08 3.03 -1.85
CA ALA B 1128 23.41 3.34 -1.33
C ALA B 1128 23.79 2.41 -0.17
N ARG B 1129 22.85 2.16 0.74
CA ARG B 1129 23.15 1.36 1.92
C ARG B 1129 23.02 -0.14 1.70
N ASN B 1130 22.42 -0.57 0.59
CA ASN B 1130 22.21 -1.99 0.32
C ASN B 1130 23.11 -2.54 -0.77
N ASN B 1131 23.99 -1.71 -1.36
CA ASN B 1131 24.89 -2.14 -2.43
C ASN B 1131 24.12 -2.75 -3.59
N ILE B 1132 23.01 -2.12 -3.97
CA ILE B 1132 22.20 -2.58 -5.09
C ILE B 1132 22.85 -2.14 -6.39
N LEU B 1133 23.09 -3.10 -7.29
CA LEU B 1133 23.74 -2.81 -8.57
C LEU B 1133 22.75 -2.79 -9.73
N ASN B 1134 22.00 -3.87 -9.90
CA ASN B 1134 21.00 -3.97 -10.97
C ASN B 1134 19.65 -4.33 -10.36
N LEU B 1135 18.62 -3.58 -10.73
CA LEU B 1135 17.29 -3.81 -10.18
C LEU B 1135 16.27 -2.96 -10.92
N LYS B 1136 15.05 -3.48 -11.01
CA LYS B 1136 13.89 -2.74 -11.46
C LYS B 1136 12.83 -2.79 -10.37
N ARG B 1137 12.08 -1.70 -10.20
CA ARG B 1137 11.22 -1.58 -9.05
C ARG B 1137 10.01 -0.72 -9.38
N TYR B 1138 8.85 -1.10 -8.82
CA TYR B 1138 7.64 -0.30 -8.87
C TYR B 1138 7.01 -0.26 -7.49
N CYS B 1139 6.28 0.82 -7.22
CA CYS B 1139 5.66 0.98 -5.91
C CYS B 1139 4.56 2.03 -5.98
N ILE B 1140 3.52 1.81 -5.20
CA ILE B 1140 2.41 2.77 -5.07
C ILE B 1140 2.21 3.04 -3.58
N GLU B 1141 2.44 4.27 -3.17
CA GLU B 1141 2.30 4.67 -1.77
C GLU B 1141 1.63 6.04 -1.71
N ARG B 1142 1.59 6.61 -0.52
CA ARG B 1142 0.98 7.91 -0.27
C ARG B 1142 2.05 8.93 0.09
N VAL B 1143 1.76 10.20 -0.20
CA VAL B 1143 2.63 11.32 0.13
C VAL B 1143 1.83 12.34 0.92
N PHE B 1144 2.53 13.09 1.77
CA PHE B 1144 1.89 13.99 2.73
C PHE B 1144 2.38 15.41 2.54
N ARG B 1145 1.45 16.37 2.63
CA ARG B 1145 1.74 17.79 2.56
C ARG B 1145 1.06 18.48 3.73
N PRO B 1146 1.82 19.24 4.54
CA PRO B 1146 1.19 19.94 5.68
C PRO B 1146 0.19 20.98 5.22
N ARG B 1147 -0.81 21.22 6.07
CA ARG B 1147 -1.88 22.16 5.77
C ARG B 1147 -1.58 23.53 6.38
N LYS B 1148 -2.04 24.57 5.68
CA LYS B 1148 -1.80 25.94 6.14
C LYS B 1148 -2.48 26.21 7.47
N LEU B 1149 -3.72 25.77 7.62
CA LEU B 1149 -4.46 25.97 8.86
C LEU B 1149 -3.95 25.02 9.94
N ASP B 1150 -4.12 25.43 11.19
CA ASP B 1150 -3.66 24.65 12.31
C ASP B 1150 -4.73 23.65 12.76
N ARG B 1151 -4.29 22.62 13.49
CA ARG B 1151 -5.18 21.62 14.08
C ARG B 1151 -5.96 20.86 13.00
N PHE B 1152 -5.21 20.26 12.06
CA PHE B 1152 -5.83 19.54 10.97
C PHE B 1152 -4.92 18.40 10.54
N HIS B 1153 -5.44 17.54 9.66
CA HIS B 1153 -4.70 16.39 9.15
C HIS B 1153 -3.91 16.78 7.90
N PRO B 1154 -2.71 16.21 7.72
CA PRO B 1154 -1.95 16.49 6.50
C PRO B 1154 -2.68 16.00 5.26
N LYS B 1155 -2.54 16.74 4.17
CA LYS B 1155 -3.12 16.33 2.90
C LYS B 1155 -2.40 15.09 2.37
N GLU B 1156 -3.15 14.22 1.72
CA GLU B 1156 -2.63 12.94 1.26
C GLU B 1156 -2.90 12.78 -0.24
N LEU B 1157 -1.85 12.41 -0.98
CA LEU B 1157 -1.94 12.15 -2.41
C LEU B 1157 -1.37 10.77 -2.71
N LEU B 1158 -1.76 10.23 -3.86
CA LEU B 1158 -1.32 8.91 -4.30
C LEU B 1158 -0.26 9.06 -5.39
N GLU B 1159 0.85 8.35 -5.23
CA GLU B 1159 1.96 8.41 -6.17
C GLU B 1159 2.40 7.02 -6.57
N CYS B 1160 2.86 6.89 -7.81
CA CYS B 1160 3.36 5.64 -8.36
C CYS B 1160 4.77 5.85 -8.89
N ALA B 1161 5.65 4.88 -8.64
CA ALA B 1161 7.05 5.01 -8.97
C ALA B 1161 7.52 3.82 -9.81
N PHE B 1162 8.53 4.08 -10.64
CA PHE B 1162 9.13 3.06 -11.49
C PHE B 1162 10.59 3.44 -11.67
N ASP B 1163 11.50 2.63 -11.11
CA ASP B 1163 12.92 2.95 -11.09
C ASP B 1163 13.73 1.83 -11.75
N ILE B 1164 14.72 2.23 -12.54
CA ILE B 1164 15.67 1.31 -13.17
C ILE B 1164 17.07 1.67 -12.70
N VAL B 1165 17.78 0.68 -12.18
CA VAL B 1165 19.16 0.85 -11.73
C VAL B 1165 20.04 -0.10 -12.53
N THR B 1166 20.97 0.47 -13.30
CA THR B 1166 21.85 -0.29 -14.17
C THR B 1166 23.30 0.03 -13.87
N SER B 1167 24.18 -0.93 -14.14
CA SER B 1167 25.61 -0.78 -13.93
C SER B 1167 26.37 -0.87 -15.26
N THR B 1168 25.82 -0.23 -16.29
CA THR B 1168 26.42 -0.25 -17.63
C THR B 1168 26.78 1.17 -18.05
N THR B 1169 27.86 1.28 -18.83
CA THR B 1169 28.25 2.57 -19.36
C THR B 1169 27.17 3.14 -20.29
N ASN B 1170 26.57 2.28 -21.10
CA ASN B 1170 25.47 2.68 -21.97
C ASN B 1170 24.25 2.99 -21.11
N SER B 1171 23.87 4.26 -21.04
CA SER B 1171 22.77 4.72 -20.20
C SER B 1171 21.82 5.59 -21.01
N PHE B 1172 21.61 5.23 -22.27
CA PHE B 1172 20.74 5.98 -23.17
C PHE B 1172 19.43 5.27 -23.49
N LEU B 1173 19.43 3.94 -23.54
CA LEU B 1173 18.22 3.20 -23.86
C LEU B 1173 17.23 3.06 -22.69
N PRO B 1174 17.68 2.94 -21.43
CA PRO B 1174 16.68 2.93 -20.33
C PRO B 1174 15.81 4.18 -20.29
N THR B 1175 16.36 5.34 -20.65
CA THR B 1175 15.55 6.54 -20.73
C THR B 1175 14.46 6.40 -21.78
N ALA B 1176 14.74 5.70 -22.88
CA ALA B 1176 13.71 5.41 -23.87
C ALA B 1176 12.71 4.38 -23.37
N GLU B 1177 13.18 3.39 -22.60
CA GLU B 1177 12.28 2.37 -22.07
C GLU B 1177 11.27 2.97 -21.10
N ILE B 1178 11.70 3.91 -20.27
CA ILE B 1178 10.78 4.56 -19.33
C ILE B 1178 9.68 5.31 -20.08
N ILE B 1179 10.07 6.08 -21.10
CA ILE B 1179 9.08 6.82 -21.88
C ILE B 1179 8.17 5.87 -22.64
N TYR B 1180 8.72 4.74 -23.10
CA TYR B 1180 7.88 3.75 -23.76
C TYR B 1180 6.86 3.14 -22.81
N THR B 1181 7.26 2.89 -21.56
CA THR B 1181 6.32 2.39 -20.57
C THR B 1181 5.20 3.39 -20.30
N ILE B 1182 5.56 4.67 -20.17
CA ILE B 1182 4.52 5.68 -19.97
C ILE B 1182 3.62 5.77 -21.19
N TYR B 1183 4.18 5.60 -22.39
CA TYR B 1183 3.38 5.59 -23.61
C TYR B 1183 2.41 4.42 -23.62
N GLU B 1184 2.87 3.25 -23.17
CA GLU B 1184 1.98 2.09 -23.06
C GLU B 1184 0.81 2.39 -22.11
N ILE B 1185 1.13 2.94 -20.94
CA ILE B 1185 0.07 3.27 -19.98
C ILE B 1185 -0.91 4.26 -20.58
N ILE B 1186 -0.40 5.24 -21.35
CA ILE B 1186 -1.28 6.19 -22.01
C ILE B 1186 -2.18 5.47 -23.01
N GLN B 1187 -1.61 4.55 -23.78
CA GLN B 1187 -2.38 3.83 -24.80
C GLN B 1187 -3.44 2.92 -24.19
N GLU B 1188 -3.23 2.45 -22.96
CA GLU B 1188 -4.17 1.53 -22.35
C GLU B 1188 -5.54 2.16 -22.14
N PHE B 1189 -5.58 3.40 -21.65
CA PHE B 1189 -6.84 4.05 -21.31
C PHE B 1189 -7.32 4.91 -22.47
N PRO B 1190 -8.52 4.67 -23.02
CA PRO B 1190 -9.03 5.55 -24.08
C PRO B 1190 -9.25 6.98 -23.62
N ALA B 1191 -9.37 7.22 -22.32
CA ALA B 1191 -9.53 8.60 -21.84
C ALA B 1191 -8.26 9.41 -22.06
N LEU B 1192 -7.10 8.80 -21.85
CA LEU B 1192 -5.83 9.50 -22.02
C LEU B 1192 -5.43 9.66 -23.48
N GLN B 1193 -6.00 8.87 -24.39
CA GLN B 1193 -5.59 8.93 -25.79
C GLN B 1193 -6.14 10.17 -26.50
N GLU B 1194 -7.23 10.74 -26.00
CA GLU B 1194 -7.88 11.86 -26.67
C GLU B 1194 -7.37 13.22 -26.18
N ARG B 1195 -6.41 13.24 -25.27
CA ARG B 1195 -5.88 14.50 -24.76
C ARG B 1195 -4.65 15.00 -25.50
N ASN B 1196 -4.09 14.19 -26.42
CA ASN B 1196 -2.97 14.59 -27.26
C ASN B 1196 -1.76 15.01 -26.42
N TYR B 1197 -1.24 14.06 -25.65
CA TYR B 1197 -0.09 14.32 -24.81
C TYR B 1197 1.17 14.56 -25.64
N SER B 1198 2.11 15.31 -25.08
CA SER B 1198 3.37 15.62 -25.72
C SER B 1198 4.52 15.29 -24.77
N ILE B 1199 5.70 15.11 -25.34
CA ILE B 1199 6.89 14.74 -24.59
C ILE B 1199 7.90 15.88 -24.69
N TYR B 1200 8.42 16.31 -23.54
CA TYR B 1200 9.41 17.37 -23.48
C TYR B 1200 10.71 16.82 -22.91
N LEU B 1201 11.83 17.38 -23.36
CA LEU B 1201 13.14 16.90 -22.95
C LEU B 1201 14.09 18.08 -22.72
N ASN B 1202 15.08 17.86 -21.87
CA ASN B 1202 16.12 18.85 -21.60
C ASN B 1202 17.28 18.17 -20.91
N HIS B 1203 18.38 18.90 -20.79
CA HIS B 1203 19.59 18.39 -20.16
C HIS B 1203 20.09 19.40 -19.14
N THR B 1204 20.68 18.90 -18.05
CA THR B 1204 21.20 19.77 -17.01
C THR B 1204 22.50 20.44 -17.42
N MET B 1205 23.36 19.72 -18.14
CA MET B 1205 24.61 20.30 -18.61
C MET B 1205 24.35 21.46 -19.56
N LEU B 1206 23.37 21.31 -20.46
CA LEU B 1206 23.02 22.39 -21.36
C LEU B 1206 22.50 23.61 -20.60
N LEU B 1207 21.70 23.38 -19.56
CA LEU B 1207 21.19 24.50 -18.76
C LEU B 1207 22.33 25.22 -18.03
N LYS B 1208 23.26 24.47 -17.44
CA LYS B 1208 24.39 25.10 -16.78
C LYS B 1208 25.25 25.87 -17.77
N ALA B 1209 25.44 25.30 -18.97
CA ALA B 1209 26.22 26.01 -19.99
C ALA B 1209 25.53 27.30 -20.42
N ILE B 1210 24.19 27.27 -20.56
CA ILE B 1210 23.46 28.48 -20.90
C ILE B 1210 23.62 29.53 -19.81
N LEU B 1211 23.49 29.11 -18.55
CA LEU B 1211 23.64 30.05 -17.44
C LEU B 1211 25.03 30.66 -17.41
N LEU B 1212 26.06 29.84 -17.60
CA LEU B 1212 27.43 30.36 -17.59
C LEU B 1212 27.68 31.30 -18.77
N HIS B 1213 27.13 30.98 -19.95
CA HIS B 1213 27.28 31.85 -21.09
C HIS B 1213 26.59 33.19 -20.87
N CYS B 1214 25.42 33.18 -20.21
CA CYS B 1214 24.70 34.41 -19.94
C CYS B 1214 25.38 35.28 -18.90
N GLY B 1215 26.39 34.76 -18.20
CA GLY B 1215 27.15 35.56 -17.26
C GLY B 1215 26.81 35.37 -15.80
N ILE B 1216 25.94 34.43 -15.46
CA ILE B 1216 25.62 34.18 -14.05
C ILE B 1216 26.85 33.62 -13.35
N PRO B 1217 27.23 34.14 -12.17
CA PRO B 1217 28.40 33.61 -11.47
C PRO B 1217 28.23 32.14 -11.12
N GLU B 1218 29.36 31.42 -11.13
CA GLU B 1218 29.32 29.98 -10.87
C GLU B 1218 29.04 29.67 -9.41
N ASP B 1219 29.21 30.65 -8.52
CA ASP B 1219 28.96 30.42 -7.10
C ASP B 1219 27.53 30.72 -6.68
N LYS B 1220 26.69 31.22 -7.60
CA LYS B 1220 25.30 31.57 -7.29
C LYS B 1220 24.31 30.76 -8.11
N LEU B 1221 24.72 29.59 -8.61
CA LEU B 1221 23.87 28.83 -9.53
C LEU B 1221 22.62 28.29 -8.83
N SER B 1222 22.77 27.81 -7.60
CA SER B 1222 21.66 27.17 -6.91
C SER B 1222 20.50 28.15 -6.69
N GLN B 1223 20.81 29.38 -6.32
CA GLN B 1223 19.76 30.38 -6.11
C GLN B 1223 19.02 30.67 -7.41
N VAL B 1224 19.75 30.71 -8.53
CA VAL B 1224 19.11 30.92 -9.83
C VAL B 1224 18.19 29.75 -10.16
N TYR B 1225 18.65 28.52 -9.90
CA TYR B 1225 17.80 27.35 -10.12
C TYR B 1225 16.53 27.44 -9.30
N ILE B 1226 16.66 27.81 -8.02
CA ILE B 1226 15.49 27.87 -7.13
C ILE B 1226 14.51 28.95 -7.60
N ILE B 1227 15.02 30.13 -7.96
CA ILE B 1227 14.10 31.20 -8.34
C ILE B 1227 13.43 30.87 -9.67
N LEU B 1228 14.15 30.24 -10.61
CA LEU B 1228 13.53 29.84 -11.87
C LEU B 1228 12.45 28.80 -11.63
N TYR B 1229 12.71 27.80 -10.78
CA TYR B 1229 11.71 26.79 -10.49
C TYR B 1229 10.49 27.42 -9.82
N ASP B 1230 10.71 28.32 -8.87
CA ASP B 1230 9.59 28.96 -8.18
C ASP B 1230 8.76 29.81 -9.12
N ALA B 1231 9.41 30.57 -10.02
CA ALA B 1231 8.68 31.34 -11.00
C ALA B 1231 7.91 30.47 -11.98
N VAL B 1232 8.44 29.30 -12.31
CA VAL B 1232 7.77 28.37 -13.20
C VAL B 1232 6.54 27.74 -12.54
N THR B 1233 6.66 27.34 -11.26
CA THR B 1233 5.60 26.59 -10.61
C THR B 1233 4.58 27.46 -9.89
N GLU B 1234 4.78 28.78 -9.82
CA GLU B 1234 3.87 29.65 -9.10
C GLU B 1234 3.18 30.70 -9.96
N LYS B 1235 3.57 30.84 -11.23
CA LYS B 1235 2.98 31.82 -12.15
C LYS B 1235 3.05 33.24 -11.56
N LEU B 1236 4.24 33.62 -11.11
CA LEU B 1236 4.45 34.95 -10.57
C LEU B 1236 4.40 35.99 -11.68
N THR B 1237 4.06 37.22 -11.30
CA THR B 1237 3.97 38.31 -12.27
C THR B 1237 5.35 38.72 -12.76
N ARG B 1238 5.37 39.34 -13.94
CA ARG B 1238 6.63 39.77 -14.53
C ARG B 1238 7.33 40.81 -13.65
N ARG B 1239 6.56 41.73 -13.08
CA ARG B 1239 7.15 42.77 -12.23
C ARG B 1239 7.83 42.17 -11.01
N GLU B 1240 7.17 41.20 -10.36
CA GLU B 1240 7.77 40.56 -9.18
C GLU B 1240 9.01 39.77 -9.55
N VAL B 1241 8.99 39.11 -10.71
CA VAL B 1241 10.18 38.37 -11.16
C VAL B 1241 11.33 39.32 -11.41
N GLU B 1242 11.07 40.46 -12.05
CA GLU B 1242 12.12 41.44 -12.29
C GLU B 1242 12.67 42.00 -10.99
N ALA B 1243 11.78 42.29 -10.03
CA ALA B 1243 12.22 42.84 -8.75
C ALA B 1243 13.04 41.82 -7.97
N LYS B 1244 12.63 40.54 -7.99
CA LYS B 1244 13.37 39.52 -7.28
C LYS B 1244 14.78 39.34 -7.83
N PHE B 1245 14.92 39.37 -9.15
CA PHE B 1245 16.24 39.24 -9.75
C PHE B 1245 17.13 40.42 -9.37
N CYS B 1246 16.57 41.63 -9.35
CA CYS B 1246 17.32 42.81 -8.94
C CYS B 1246 17.63 42.82 -7.45
N ASN B 1247 17.00 41.93 -6.67
CA ASN B 1247 17.33 41.86 -5.24
C ASN B 1247 18.71 41.28 -5.01
N LEU B 1248 19.19 40.44 -5.92
CA LEU B 1248 20.54 39.91 -5.86
C LEU B 1248 21.55 40.81 -6.56
N SER B 1249 21.18 42.06 -6.84
CA SER B 1249 22.02 43.02 -7.56
C SER B 1249 22.49 42.44 -8.89
N LEU B 1250 21.55 41.81 -9.61
CA LEU B 1250 21.82 41.24 -10.92
C LEU B 1250 21.41 42.23 -12.00
N SER B 1251 22.28 42.38 -13.00
CA SER B 1251 22.05 43.35 -14.06
C SER B 1251 20.87 42.94 -14.94
N SER B 1252 20.29 43.94 -15.61
CA SER B 1252 19.15 43.67 -16.48
C SER B 1252 19.56 42.98 -17.79
N ASN B 1253 20.81 43.18 -18.23
CA ASN B 1253 21.26 42.53 -19.45
C ASN B 1253 21.31 41.03 -19.29
N SER B 1254 21.73 40.54 -18.11
CA SER B 1254 21.69 39.11 -17.85
C SER B 1254 20.27 38.57 -17.90
N LEU B 1255 19.32 39.31 -17.31
CA LEU B 1255 17.93 38.88 -17.36
C LEU B 1255 17.43 38.81 -18.80
N CYS B 1256 17.74 39.83 -19.60
CA CYS B 1256 17.29 39.85 -20.99
C CYS B 1256 17.91 38.71 -21.78
N ARG B 1257 19.20 38.45 -21.59
CA ARG B 1257 19.86 37.37 -22.31
C ARG B 1257 19.40 36.00 -21.84
N LEU B 1258 18.95 35.88 -20.60
CA LEU B 1258 18.41 34.61 -20.13
C LEU B 1258 16.98 34.38 -20.59
N TYR B 1259 16.19 35.44 -20.76
CA TYR B 1259 14.81 35.27 -21.15
C TYR B 1259 14.61 35.13 -22.66
N LYS B 1260 15.67 35.33 -23.44
CA LYS B 1260 15.59 35.06 -24.88
C LYS B 1260 15.90 33.61 -25.22
N PHE B 1261 16.37 32.82 -24.25
CA PHE B 1261 16.76 31.44 -24.50
C PHE B 1261 15.72 30.44 -24.01
N ILE B 1262 15.04 30.75 -22.90
CA ILE B 1262 14.06 29.82 -22.34
C ILE B 1262 12.68 29.96 -22.96
N GLU B 1263 12.52 30.85 -23.94
CA GLU B 1263 11.25 31.03 -24.62
C GLU B 1263 11.14 30.20 -25.90
N GLN B 1264 12.15 29.41 -26.22
CA GLN B 1264 12.21 28.66 -27.47
C GLN B 1264 12.03 27.17 -27.20
N LYS B 1265 11.09 26.55 -27.92
CA LYS B 1265 10.87 25.11 -27.85
C LYS B 1265 10.46 24.62 -29.23
N GLY B 1266 10.89 23.41 -29.57
CA GLY B 1266 10.54 22.85 -30.87
C GLY B 1266 11.35 21.61 -31.17
N ASP B 1267 11.37 21.25 -32.45
CA ASP B 1267 12.10 20.07 -32.87
C ASP B 1267 13.60 20.24 -32.66
N LEU B 1268 14.29 19.12 -32.49
CA LEU B 1268 15.73 19.16 -32.25
C LEU B 1268 16.47 19.78 -33.44
N GLN B 1269 16.08 19.39 -34.67
CA GLN B 1269 16.71 19.97 -35.85
C GLN B 1269 16.29 21.40 -36.09
N ASP B 1270 15.14 21.82 -35.57
CA ASP B 1270 14.69 23.20 -35.74
C ASP B 1270 15.47 24.14 -34.84
N LEU B 1271 15.77 23.73 -33.61
CA LEU B 1271 16.48 24.56 -32.64
C LEU B 1271 17.99 24.47 -32.78
N MET B 1272 18.49 23.77 -33.80
CA MET B 1272 19.93 23.69 -34.02
C MET B 1272 20.61 25.04 -34.21
N PRO B 1273 20.05 26.00 -34.96
CA PRO B 1273 20.72 27.32 -35.05
C PRO B 1273 20.93 27.99 -33.71
N THR B 1274 19.96 27.88 -32.79
CA THR B 1274 20.11 28.49 -31.48
C THR B 1274 21.24 27.82 -30.69
N ILE B 1275 21.30 26.49 -30.72
CA ILE B 1275 22.34 25.77 -29.99
C ILE B 1275 23.70 25.98 -30.65
N ASN B 1276 23.73 26.16 -31.97
CA ASN B 1276 25.00 26.32 -32.67
C ASN B 1276 25.74 27.56 -32.20
N SER B 1277 25.03 28.61 -31.79
CA SER B 1277 25.67 29.83 -31.33
C SER B 1277 26.43 29.64 -30.02
N LEU B 1278 26.15 28.56 -29.29
CA LEU B 1278 26.82 28.30 -28.01
C LEU B 1278 28.10 27.50 -28.17
N ILE B 1279 28.42 27.03 -29.38
CA ILE B 1279 29.65 26.26 -29.59
C ILE B 1279 30.85 27.14 -29.87
N LYS B 1280 30.64 28.44 -30.08
CA LYS B 1280 31.73 29.39 -30.29
C LYS B 1280 32.22 30.02 -28.99
N GLN B 1281 31.68 29.61 -27.85
CA GLN B 1281 32.07 30.16 -26.56
C GLN B 1281 33.34 29.48 -26.07
N LYS B 1282 33.65 29.67 -24.78
CA LYS B 1282 34.88 29.16 -24.20
C LYS B 1282 34.86 27.63 -24.14
N THR B 1283 35.95 27.08 -23.58
CA THR B 1283 36.12 25.62 -23.57
C THR B 1283 35.03 24.94 -22.75
N GLY B 1284 34.70 25.49 -21.58
CA GLY B 1284 33.72 24.86 -20.72
C GLY B 1284 32.34 24.82 -21.35
N ILE B 1285 31.91 25.92 -21.96
CA ILE B 1285 30.59 25.97 -22.58
C ILE B 1285 30.49 24.95 -23.71
N ALA B 1286 31.51 24.90 -24.57
CA ALA B 1286 31.51 23.94 -25.66
C ALA B 1286 31.53 22.51 -25.15
N GLN B 1287 32.33 22.24 -24.12
CA GLN B 1287 32.41 20.88 -23.57
C GLN B 1287 31.07 20.44 -23.00
N LEU B 1288 30.37 21.34 -22.30
CA LEU B 1288 29.06 20.97 -21.76
C LEU B 1288 28.03 20.77 -22.88
N VAL B 1289 27.99 21.70 -23.84
CA VAL B 1289 26.99 21.60 -24.90
C VAL B 1289 27.23 20.37 -25.77
N LYS B 1290 28.49 19.95 -25.93
CA LYS B 1290 28.76 18.74 -26.69
C LYS B 1290 28.06 17.53 -26.09
N TYR B 1291 28.26 17.30 -24.78
CA TYR B 1291 27.62 16.18 -24.12
C TYR B 1291 26.10 16.31 -24.15
N GLY B 1292 25.59 17.52 -23.89
CA GLY B 1292 24.15 17.70 -23.89
C GLY B 1292 23.52 17.37 -25.24
N LEU B 1293 24.10 17.91 -26.31
CA LEU B 1293 23.59 17.65 -27.66
C LEU B 1293 23.72 16.18 -28.02
N LYS B 1294 24.85 15.55 -27.66
CA LYS B 1294 25.02 14.14 -27.97
C LYS B 1294 23.92 13.30 -27.33
N ASP B 1295 23.69 13.50 -26.03
CA ASP B 1295 22.68 12.71 -25.34
C ASP B 1295 21.28 12.98 -25.89
N LEU B 1296 20.96 14.26 -26.14
CA LEU B 1296 19.63 14.57 -26.66
C LEU B 1296 19.40 13.95 -28.04
N GLU B 1297 20.39 14.06 -28.92
CA GLU B 1297 20.26 13.48 -30.25
C GLU B 1297 20.11 11.97 -30.19
N GLU B 1298 20.94 11.31 -29.37
CA GLU B 1298 20.86 9.86 -29.27
C GLU B 1298 19.52 9.40 -28.73
N VAL B 1299 19.01 10.07 -27.70
CA VAL B 1299 17.73 9.67 -27.12
C VAL B 1299 16.60 9.90 -28.11
N VAL B 1300 16.61 11.02 -28.84
CA VAL B 1300 15.57 11.26 -29.83
C VAL B 1300 15.62 10.21 -30.92
N GLY B 1301 16.82 9.84 -31.37
CA GLY B 1301 16.94 8.81 -32.39
C GLY B 1301 16.41 7.47 -31.94
N LEU B 1302 16.77 7.06 -30.72
CA LEU B 1302 16.30 5.76 -30.24
C LEU B 1302 14.79 5.77 -30.01
N LEU B 1303 14.24 6.91 -29.57
CA LEU B 1303 12.79 7.01 -29.45
C LEU B 1303 12.12 6.91 -30.82
N LYS B 1304 12.75 7.47 -31.85
CA LYS B 1304 12.20 7.35 -33.20
C LYS B 1304 12.24 5.90 -33.68
N LYS B 1305 13.29 5.16 -33.31
CA LYS B 1305 13.40 3.77 -33.74
C LYS B 1305 12.29 2.91 -33.15
N LEU B 1306 11.75 3.28 -31.99
CA LEU B 1306 10.72 2.49 -31.32
C LEU B 1306 9.33 2.78 -31.83
N GLY B 1307 9.16 3.69 -32.77
CA GLY B 1307 7.85 3.98 -33.33
C GLY B 1307 6.86 4.58 -32.36
N ILE B 1308 7.29 5.52 -31.52
CA ILE B 1308 6.40 6.21 -30.60
C ILE B 1308 5.71 7.34 -31.36
N LYS B 1309 4.38 7.31 -31.39
CA LYS B 1309 3.64 8.30 -32.17
C LYS B 1309 3.67 9.68 -31.52
N LEU B 1310 3.84 9.74 -30.20
CA LEU B 1310 3.80 11.02 -29.50
C LEU B 1310 4.93 11.93 -29.96
N GLN B 1311 4.62 13.22 -30.08
CA GLN B 1311 5.61 14.19 -30.51
C GLN B 1311 6.72 14.32 -29.46
N VAL B 1312 7.96 14.35 -29.93
CA VAL B 1312 9.12 14.55 -29.08
C VAL B 1312 9.65 15.95 -29.34
N LEU B 1313 9.66 16.79 -28.30
CA LEU B 1313 10.12 18.16 -28.40
C LEU B 1313 11.21 18.41 -27.38
N ILE B 1314 12.16 19.27 -27.73
CA ILE B 1314 13.24 19.67 -26.85
C ILE B 1314 12.87 21.02 -26.25
N ASN B 1315 12.82 21.09 -24.92
CA ASN B 1315 12.45 22.31 -24.20
C ASN B 1315 13.69 22.87 -23.53
N LEU B 1316 14.05 24.11 -23.90
CA LEU B 1316 15.21 24.76 -23.31
C LEU B 1316 14.93 25.28 -21.90
N GLY B 1317 13.69 25.66 -21.62
CA GLY B 1317 13.35 26.27 -20.35
C GLY B 1317 12.72 25.33 -19.35
N LEU B 1318 12.90 24.02 -19.54
CA LEU B 1318 12.32 23.02 -18.64
C LEU B 1318 13.19 22.90 -17.40
N VAL B 1319 12.73 23.46 -16.29
CA VAL B 1319 13.39 23.36 -15.00
C VAL B 1319 12.49 22.55 -14.08
N TYR B 1320 13.03 21.44 -13.54
CA TYR B 1320 12.24 20.55 -12.69
C TYR B 1320 13.22 19.81 -11.78
N LYS B 1321 13.34 20.27 -10.54
CA LYS B 1321 14.23 19.66 -9.55
C LYS B 1321 15.63 19.47 -10.13
N VAL B 1322 16.15 20.53 -10.75
CA VAL B 1322 17.44 20.46 -11.43
C VAL B 1322 18.57 20.18 -10.45
N GLN B 1323 18.37 20.45 -9.17
CA GLN B 1323 19.39 20.16 -8.16
C GLN B 1323 19.53 18.67 -7.89
N GLN B 1324 18.61 17.84 -8.38
CA GLN B 1324 18.62 16.41 -8.09
C GLN B 1324 18.98 15.53 -9.27
N HIS B 1325 18.89 16.03 -10.49
CA HIS B 1325 19.15 15.24 -11.69
C HIS B 1325 20.44 15.70 -12.35
N ASN B 1326 21.22 14.74 -12.82
CA ASN B 1326 22.45 14.99 -13.59
C ASN B 1326 22.31 14.28 -14.93
N GLY B 1327 21.71 14.97 -15.90
CA GLY B 1327 21.51 14.38 -17.20
C GLY B 1327 20.22 14.80 -17.87
N ILE B 1328 19.41 13.84 -18.27
CA ILE B 1328 18.21 14.10 -19.04
C ILE B 1328 17.01 14.17 -18.11
N ILE B 1329 16.14 15.15 -18.36
CA ILE B 1329 14.89 15.29 -17.62
C ILE B 1329 13.75 15.42 -18.63
N PHE B 1330 12.62 14.79 -18.34
CA PHE B 1330 11.50 14.76 -19.27
C PHE B 1330 10.19 14.95 -18.52
N GLN B 1331 9.18 15.41 -19.24
CA GLN B 1331 7.84 15.58 -18.71
C GLN B 1331 6.81 15.22 -19.78
N PHE B 1332 5.62 14.84 -19.32
CA PHE B 1332 4.48 14.58 -20.19
C PHE B 1332 3.47 15.70 -19.97
N VAL B 1333 3.31 16.57 -20.96
CA VAL B 1333 2.46 17.74 -20.85
C VAL B 1333 1.34 17.64 -21.88
N ALA B 1334 0.10 17.79 -21.41
CA ALA B 1334 -1.07 17.82 -22.28
C ALA B 1334 -1.88 19.07 -21.98
N PHE B 1335 -2.37 19.71 -23.02
CA PHE B 1335 -3.15 20.94 -22.89
C PHE B 1335 -4.62 20.58 -22.78
N ILE B 1336 -5.21 20.85 -21.62
CA ILE B 1336 -6.61 20.53 -21.34
C ILE B 1336 -7.40 21.83 -21.38
N LYS B 1337 -8.44 21.86 -22.22
CA LYS B 1337 -9.29 23.05 -22.34
C LYS B 1337 -10.27 23.07 -21.19
N ARG B 1338 -9.85 23.65 -20.08
CA ARG B 1338 -10.67 23.75 -18.87
C ARG B 1338 -11.04 25.21 -18.65
N ARG B 1339 -12.34 25.48 -18.57
CA ARG B 1339 -12.86 26.84 -18.37
C ARG B 1339 -12.33 27.80 -19.44
N GLN B 1340 -12.30 27.34 -20.69
CA GLN B 1340 -11.86 28.14 -21.83
C GLN B 1340 -10.43 28.63 -21.67
N ARG B 1341 -9.60 27.86 -20.96
CA ARG B 1341 -8.20 28.20 -20.74
C ARG B 1341 -7.35 26.95 -20.94
N ALA B 1342 -6.29 27.08 -21.74
CA ALA B 1342 -5.39 25.96 -22.02
C ALA B 1342 -4.44 25.78 -20.84
N VAL B 1343 -4.95 25.10 -19.82
CA VAL B 1343 -4.20 24.87 -18.58
C VAL B 1343 -3.40 23.58 -18.75
N PRO B 1344 -2.07 23.63 -18.71
CA PRO B 1344 -1.28 22.40 -18.82
C PRO B 1344 -1.45 21.52 -17.60
N GLU B 1345 -1.28 20.22 -17.82
CA GLU B 1345 -1.35 19.22 -16.76
C GLU B 1345 -0.25 18.20 -16.97
N ILE B 1346 0.56 17.97 -15.94
CA ILE B 1346 1.71 17.08 -16.01
C ILE B 1346 1.28 15.69 -15.57
N LEU B 1347 1.56 14.68 -16.40
CA LEU B 1347 1.22 13.31 -16.06
C LEU B 1347 2.41 12.54 -15.49
N ALA B 1348 3.62 12.87 -15.91
CA ALA B 1348 4.80 12.15 -15.44
C ALA B 1348 6.03 13.03 -15.57
N ALA B 1349 7.09 12.64 -14.86
CA ALA B 1349 8.37 13.31 -14.93
C ALA B 1349 9.42 12.40 -14.30
N GLY B 1350 10.68 12.71 -14.56
CA GLY B 1350 11.76 11.92 -14.01
C GLY B 1350 13.08 12.28 -14.66
N GLY B 1351 14.08 11.44 -14.40
CA GLY B 1351 15.39 11.66 -14.97
C GLY B 1351 16.42 10.80 -14.26
N ARG B 1352 17.69 11.05 -14.62
CA ARG B 1352 18.81 10.35 -14.03
C ARG B 1352 19.23 11.06 -12.74
N TYR B 1353 19.43 10.28 -11.67
CA TYR B 1353 19.71 10.87 -10.36
C TYR B 1353 20.81 10.11 -9.64
N ASP B 1354 21.88 9.76 -10.35
CA ASP B 1354 22.96 9.02 -9.70
C ASP B 1354 23.80 9.88 -8.76
N LEU B 1355 23.57 11.20 -8.72
CA LEU B 1355 24.36 12.05 -7.84
C LEU B 1355 23.95 11.91 -6.37
N LEU B 1356 22.76 11.37 -6.11
CA LEU B 1356 22.29 11.23 -4.73
C LEU B 1356 22.96 10.07 -3.99
N ILE B 1357 23.50 9.09 -4.71
CA ILE B 1357 24.11 7.93 -4.06
C ILE B 1357 25.31 8.30 -3.20
N PRO B 1358 26.26 9.14 -3.64
CA PRO B 1358 27.45 9.40 -2.81
C PRO B 1358 27.16 9.97 -1.44
N GLN B 1359 26.03 10.66 -1.25
CA GLN B 1359 25.74 11.26 0.04
C GLN B 1359 25.54 10.19 1.13
N PHE B 1360 24.85 9.10 0.80
CA PHE B 1360 24.38 8.16 1.80
C PHE B 1360 25.28 6.95 2.00
N ARG B 1361 26.36 6.83 1.23
CA ARG B 1361 27.22 5.65 1.38
C ARG B 1361 27.92 5.65 2.73
N GLY B 1362 28.18 4.45 3.24
CA GLY B 1362 28.81 4.28 4.52
C GLY B 1362 30.31 4.43 4.46
N PRO B 1363 30.96 4.22 5.61
CA PRO B 1363 32.41 4.38 5.67
C PRO B 1363 33.18 3.34 4.87
N GLN B 1364 32.59 2.19 4.57
CA GLN B 1364 33.27 1.10 3.89
C GLN B 1364 32.55 0.72 2.60
N ALA B 1365 32.16 1.72 1.81
CA ALA B 1365 31.51 1.49 0.53
C ALA B 1365 32.54 1.67 -0.58
N LEU B 1366 32.82 0.60 -1.31
CA LEU B 1366 33.79 0.61 -2.40
C LEU B 1366 33.13 0.09 -3.66
N GLY B 1367 33.28 0.82 -4.76
CA GLY B 1367 32.72 0.42 -6.03
C GLY B 1367 32.20 1.60 -6.82
N PRO B 1368 31.85 1.36 -8.08
CA PRO B 1368 31.33 2.45 -8.92
C PRO B 1368 29.91 2.83 -8.52
N VAL B 1369 29.50 4.01 -8.98
CA VAL B 1369 28.14 4.52 -8.74
C VAL B 1369 27.28 4.12 -9.94
N PRO B 1370 26.32 3.22 -9.77
CA PRO B 1370 25.50 2.80 -10.91
C PRO B 1370 24.51 3.86 -11.32
N THR B 1371 24.08 3.77 -12.59
CA THR B 1371 23.07 4.67 -13.12
C THR B 1371 21.72 4.39 -12.47
N ALA B 1372 20.84 5.39 -12.54
CA ALA B 1372 19.50 5.25 -11.98
C ALA B 1372 18.55 6.21 -12.69
N ILE B 1373 17.44 5.67 -13.21
CA ILE B 1373 16.43 6.45 -13.90
C ILE B 1373 15.07 6.10 -13.29
N GLY B 1374 14.27 7.13 -13.00
CA GLY B 1374 12.97 6.91 -12.38
C GLY B 1374 11.90 7.78 -13.02
N VAL B 1375 10.65 7.47 -12.66
CA VAL B 1375 9.50 8.22 -13.15
C VAL B 1375 8.43 8.17 -12.07
N SER B 1376 7.57 9.19 -12.05
CA SER B 1376 6.47 9.28 -11.10
C SER B 1376 5.20 9.66 -11.85
N ILE B 1377 4.12 8.95 -11.55
CA ILE B 1377 2.83 9.15 -12.23
C ILE B 1377 1.80 9.60 -11.23
N ALA B 1378 0.83 10.39 -11.71
CA ALA B 1378 -0.25 10.91 -10.88
C ALA B 1378 -1.49 10.08 -11.15
N ILE B 1379 -1.80 9.16 -10.23
CA ILE B 1379 -2.94 8.25 -10.42
C ILE B 1379 -4.26 9.01 -10.34
N ASP B 1380 -4.34 10.01 -9.46
CA ASP B 1380 -5.59 10.74 -9.28
C ASP B 1380 -6.01 11.44 -10.56
N LYS B 1381 -5.05 11.96 -11.33
CA LYS B 1381 -5.39 12.59 -12.60
C LYS B 1381 -6.00 11.58 -13.56
N ILE B 1382 -5.43 10.37 -13.62
CA ILE B 1382 -5.98 9.32 -14.50
C ILE B 1382 -7.39 8.96 -14.07
N SER B 1383 -7.60 8.80 -12.76
CA SER B 1383 -8.91 8.42 -12.26
C SER B 1383 -9.95 9.48 -12.57
N ALA B 1384 -9.60 10.76 -12.35
CA ALA B 1384 -10.53 11.84 -12.65
C ALA B 1384 -10.83 11.92 -14.15
N ALA B 1385 -9.80 11.75 -14.99
CA ALA B 1385 -10.01 11.81 -16.42
C ALA B 1385 -10.91 10.68 -16.90
N VAL B 1386 -10.73 9.48 -16.37
CA VAL B 1386 -11.56 8.35 -16.78
C VAL B 1386 -12.99 8.53 -16.28
N LEU B 1387 -13.17 8.99 -15.03
CA LEU B 1387 -14.50 9.17 -14.48
C LEU B 1387 -15.25 10.32 -15.14
N ASN B 1388 -14.55 11.31 -15.68
CA ASN B 1388 -15.20 12.43 -16.33
C ASN B 1388 -15.73 12.08 -17.71
N MET B 1389 -15.27 10.98 -18.31
CA MET B 1389 -15.64 10.63 -19.66
C MET B 1389 -17.15 10.38 -19.77
N GLU B 1390 -17.75 10.90 -20.84
CA GLU B 1390 -19.19 10.74 -21.02
C GLU B 1390 -19.56 9.26 -21.20
N GLU B 1391 -18.79 8.53 -21.99
CA GLU B 1391 -19.00 7.08 -22.16
C GLU B 1391 -18.46 6.39 -20.91
N SER B 1392 -19.24 6.46 -19.84
CA SER B 1392 -18.79 6.00 -18.54
C SER B 1392 -18.47 4.51 -18.56
N VAL B 1393 -17.35 4.16 -17.92
CA VAL B 1393 -16.94 2.76 -17.80
C VAL B 1393 -17.62 2.17 -16.57
N THR B 1394 -18.33 1.07 -16.77
CA THR B 1394 -19.07 0.41 -15.69
C THR B 1394 -18.28 -0.78 -15.18
N ILE B 1395 -18.03 -0.80 -13.88
CA ILE B 1395 -17.30 -1.87 -13.21
C ILE B 1395 -18.27 -2.61 -12.31
N SER B 1396 -18.31 -3.93 -12.43
CA SER B 1396 -19.22 -4.77 -11.66
C SER B 1396 -18.46 -5.43 -10.52
N SER B 1397 -18.97 -5.26 -9.29
CA SER B 1397 -18.34 -5.87 -8.13
C SER B 1397 -18.45 -7.40 -8.19
N CYS B 1398 -19.62 -7.91 -8.57
CA CYS B 1398 -19.83 -9.34 -8.72
C CYS B 1398 -20.69 -9.60 -9.95
N ASP B 1399 -20.44 -10.74 -10.59
CA ASP B 1399 -21.18 -11.08 -11.80
C ASP B 1399 -22.62 -11.47 -11.49
N LEU B 1400 -22.82 -12.31 -10.47
CA LEU B 1400 -24.13 -12.83 -10.14
C LEU B 1400 -24.43 -12.60 -8.66
N LEU B 1401 -25.69 -12.30 -8.36
CA LEU B 1401 -26.16 -12.08 -7.00
C LEU B 1401 -27.22 -13.11 -6.66
N VAL B 1402 -27.02 -13.84 -5.56
CA VAL B 1402 -27.90 -14.91 -5.15
C VAL B 1402 -28.87 -14.37 -4.11
N VAL B 1403 -30.17 -14.48 -4.38
CA VAL B 1403 -31.23 -14.00 -3.50
C VAL B 1403 -32.14 -15.16 -3.16
N SER B 1404 -32.42 -15.33 -1.87
CA SER B 1404 -33.31 -16.39 -1.39
C SER B 1404 -34.68 -15.79 -1.08
N VAL B 1405 -35.73 -16.49 -1.46
CA VAL B 1405 -37.10 -16.09 -1.19
C VAL B 1405 -37.67 -17.04 -0.15
N GLY B 1406 -38.03 -16.50 1.00
CA GLY B 1406 -38.49 -17.33 2.11
C GLY B 1406 -37.34 -17.83 2.97
N GLN B 1407 -37.66 -18.14 4.22
CA GLN B 1407 -36.66 -18.58 5.17
C GLN B 1407 -36.21 -20.02 4.96
N MET B 1408 -37.02 -20.84 4.27
CA MET B 1408 -36.70 -22.24 4.08
C MET B 1408 -35.72 -22.48 2.93
N SER B 1409 -35.48 -21.48 2.08
CA SER B 1409 -34.58 -21.62 0.94
C SER B 1409 -33.19 -21.07 1.21
N MET B 1410 -32.90 -20.68 2.45
CA MET B 1410 -31.58 -20.12 2.76
C MET B 1410 -30.47 -21.15 2.57
N SER B 1411 -30.70 -22.38 3.01
CA SER B 1411 -29.66 -23.41 2.87
C SER B 1411 -29.39 -23.71 1.40
N ARG B 1412 -30.44 -23.77 0.58
CA ARG B 1412 -30.25 -24.02 -0.84
C ARG B 1412 -29.45 -22.90 -1.49
N ALA B 1413 -29.76 -21.65 -1.15
CA ALA B 1413 -29.01 -20.52 -1.70
C ALA B 1413 -27.56 -20.55 -1.25
N ILE B 1414 -27.31 -20.90 0.02
CA ILE B 1414 -25.95 -20.97 0.52
C ILE B 1414 -25.17 -22.04 -0.22
N ASN B 1415 -25.77 -23.22 -0.41
CA ASN B 1415 -25.08 -24.28 -1.15
C ASN B 1415 -24.82 -23.89 -2.60
N LEU B 1416 -25.79 -23.23 -3.24
CA LEU B 1416 -25.60 -22.79 -4.61
C LEU B 1416 -24.46 -21.78 -4.71
N THR B 1417 -24.42 -20.81 -3.79
CA THR B 1417 -23.36 -19.81 -3.81
C THR B 1417 -22.00 -20.45 -3.55
N GLN B 1418 -21.93 -21.40 -2.62
CA GLN B 1418 -20.68 -22.10 -2.37
C GLN B 1418 -20.23 -22.89 -3.61
N LYS B 1419 -21.18 -23.48 -4.33
CA LYS B 1419 -20.84 -24.18 -5.57
C LYS B 1419 -20.32 -23.20 -6.62
N LEU B 1420 -20.91 -22.00 -6.68
CA LEU B 1420 -20.44 -21.01 -7.65
C LEU B 1420 -19.00 -20.59 -7.38
N TRP B 1421 -18.63 -20.42 -6.10
CA TRP B 1421 -17.28 -20.00 -5.78
C TRP B 1421 -16.25 -21.04 -6.20
N THR B 1422 -16.58 -22.32 -6.03
CA THR B 1422 -15.64 -23.39 -6.42
C THR B 1422 -15.36 -23.39 -7.91
N ALA B 1423 -16.25 -22.82 -8.72
CA ALA B 1423 -16.07 -22.75 -10.16
C ALA B 1423 -15.35 -21.49 -10.61
N GLY B 1424 -14.90 -20.65 -9.68
CA GLY B 1424 -14.17 -19.45 -10.03
C GLY B 1424 -15.01 -18.25 -10.37
N ILE B 1425 -16.32 -18.32 -10.15
CA ILE B 1425 -17.22 -17.21 -10.46
C ILE B 1425 -17.45 -16.40 -9.20
N THR B 1426 -17.32 -15.08 -9.31
CA THR B 1426 -17.52 -14.19 -8.16
C THR B 1426 -19.00 -13.92 -7.99
N ALA B 1427 -19.53 -14.22 -6.80
CA ALA B 1427 -20.95 -14.04 -6.53
C ALA B 1427 -21.16 -13.65 -5.08
N GLU B 1428 -22.07 -12.71 -4.87
CA GLU B 1428 -22.49 -12.28 -3.53
C GLU B 1428 -23.83 -12.91 -3.18
N ILE B 1429 -24.03 -13.17 -1.88
CA ILE B 1429 -25.24 -13.77 -1.37
C ILE B 1429 -25.92 -12.79 -0.43
N MET B 1430 -27.18 -12.48 -0.71
CA MET B 1430 -27.93 -11.59 0.17
C MET B 1430 -28.29 -12.29 1.47
N TYR B 1431 -28.50 -11.49 2.52
CA TYR B 1431 -28.68 -12.00 3.87
C TYR B 1431 -30.12 -12.02 4.33
N ASP B 1432 -30.96 -11.10 3.86
CA ASP B 1432 -32.35 -11.03 4.31
C ASP B 1432 -33.24 -11.79 3.34
N TRP B 1433 -34.06 -12.69 3.88
CA TRP B 1433 -34.95 -13.51 3.08
C TRP B 1433 -36.34 -12.91 2.91
N SER B 1434 -36.61 -11.79 3.57
CA SER B 1434 -37.92 -11.12 3.49
C SER B 1434 -37.87 -9.87 2.62
N GLN B 1435 -36.83 -9.72 1.81
CA GLN B 1435 -36.70 -8.52 0.97
C GLN B 1435 -37.77 -8.51 -0.12
N SER B 1436 -38.42 -7.36 -0.27
CA SER B 1436 -39.41 -7.21 -1.32
C SER B 1436 -38.74 -7.06 -2.68
N GLN B 1437 -39.54 -7.22 -3.73
CA GLN B 1437 -39.01 -7.12 -5.09
C GLN B 1437 -38.53 -5.70 -5.38
N GLU B 1438 -39.28 -4.68 -4.94
CA GLU B 1438 -38.87 -3.31 -5.15
C GLU B 1438 -37.58 -3.00 -4.41
N GLU B 1439 -37.44 -3.51 -3.17
CA GLU B 1439 -36.21 -3.33 -2.43
C GLU B 1439 -35.04 -4.00 -3.14
N LEU B 1440 -35.28 -5.19 -3.70
CA LEU B 1440 -34.22 -5.87 -4.45
C LEU B 1440 -33.79 -5.06 -5.66
N GLN B 1441 -34.75 -4.50 -6.40
CA GLN B 1441 -34.40 -3.71 -7.57
C GLN B 1441 -33.65 -2.45 -7.18
N GLU B 1442 -34.07 -1.79 -6.10
CA GLU B 1442 -33.35 -0.61 -5.63
C GLU B 1442 -31.94 -0.94 -5.19
N TYR B 1443 -31.76 -2.06 -4.48
CA TYR B 1443 -30.43 -2.49 -4.06
C TYR B 1443 -29.55 -2.78 -5.27
N CYS B 1444 -30.10 -3.46 -6.27
CA CYS B 1444 -29.33 -3.77 -7.47
C CYS B 1444 -28.93 -2.51 -8.21
N ARG B 1445 -29.84 -1.55 -8.33
CA ARG B 1445 -29.50 -0.30 -9.01
C ARG B 1445 -28.44 0.48 -8.24
N HIS B 1446 -28.56 0.55 -6.91
CA HIS B 1446 -27.60 1.30 -6.12
C HIS B 1446 -26.23 0.65 -6.13
N HIS B 1447 -26.17 -0.67 -6.05
CA HIS B 1447 -24.91 -1.39 -5.93
C HIS B 1447 -24.32 -1.81 -7.28
N GLU B 1448 -24.98 -1.45 -8.38
CA GLU B 1448 -24.51 -1.78 -9.73
C GLU B 1448 -24.35 -3.29 -9.92
N ILE B 1449 -25.47 -3.98 -9.83
CA ILE B 1449 -25.54 -5.42 -10.08
C ILE B 1449 -26.57 -5.66 -11.16
N THR B 1450 -26.21 -6.47 -12.16
CA THR B 1450 -27.07 -6.69 -13.33
C THR B 1450 -27.66 -8.08 -13.42
N TYR B 1451 -27.08 -9.07 -12.73
CA TYR B 1451 -27.56 -10.44 -12.78
C TYR B 1451 -27.90 -10.91 -11.37
N VAL B 1452 -29.10 -11.45 -11.20
CA VAL B 1452 -29.55 -11.97 -9.92
C VAL B 1452 -30.23 -13.32 -10.14
N ALA B 1453 -30.01 -14.24 -9.20
CA ALA B 1453 -30.63 -15.56 -9.23
C ALA B 1453 -31.55 -15.69 -8.03
N LEU B 1454 -32.82 -16.00 -8.28
CA LEU B 1454 -33.81 -16.14 -7.22
C LEU B 1454 -34.02 -17.63 -6.93
N VAL B 1455 -33.77 -18.03 -5.70
CA VAL B 1455 -33.92 -19.42 -5.26
C VAL B 1455 -35.21 -19.51 -4.46
N SER B 1456 -36.11 -20.39 -4.90
CA SER B 1456 -37.36 -20.62 -4.20
C SER B 1456 -37.69 -22.10 -4.23
N ASP B 1457 -38.45 -22.54 -3.22
CA ASP B 1457 -38.86 -23.94 -3.12
C ASP B 1457 -40.16 -24.23 -3.84
N LYS B 1458 -40.80 -23.21 -4.42
CA LYS B 1458 -42.04 -23.42 -5.16
C LYS B 1458 -41.80 -23.89 -6.59
N GLU B 1459 -40.56 -23.87 -7.07
CA GLU B 1459 -40.22 -24.31 -8.40
C GLU B 1459 -39.34 -25.55 -8.42
N GLY B 1460 -39.28 -26.30 -7.32
CA GLY B 1460 -38.49 -27.51 -7.26
C GLY B 1460 -37.00 -27.26 -7.39
N SER B 1461 -36.37 -27.89 -8.38
CA SER B 1461 -34.94 -27.75 -8.63
C SER B 1461 -34.63 -26.74 -9.72
N HIS B 1462 -35.44 -25.69 -9.84
CA HIS B 1462 -35.26 -24.64 -10.83
C HIS B 1462 -35.05 -23.30 -10.14
N VAL B 1463 -34.26 -22.44 -10.78
CA VAL B 1463 -34.05 -21.07 -10.31
C VAL B 1463 -34.44 -20.13 -11.43
N LYS B 1464 -34.84 -18.92 -11.05
CA LYS B 1464 -35.25 -17.89 -11.99
C LYS B 1464 -34.18 -16.82 -12.04
N VAL B 1465 -33.51 -16.71 -13.18
CA VAL B 1465 -32.44 -15.73 -13.38
C VAL B 1465 -33.05 -14.48 -14.00
N LYS B 1466 -32.88 -13.35 -13.35
CA LYS B 1466 -33.39 -12.07 -13.83
C LYS B 1466 -32.24 -11.17 -14.25
N SER B 1467 -32.49 -10.36 -15.28
CA SER B 1467 -31.50 -9.45 -15.81
C SER B 1467 -32.11 -8.07 -15.99
N PHE B 1468 -31.40 -7.05 -15.53
CA PHE B 1468 -31.81 -5.65 -15.69
C PHE B 1468 -30.78 -4.97 -16.59
N GLU B 1469 -31.00 -5.07 -17.90
CA GLU B 1469 -30.08 -4.54 -18.90
C GLU B 1469 -30.78 -3.42 -19.66
N LYS B 1470 -30.30 -2.19 -19.48
CA LYS B 1470 -30.79 -1.00 -20.18
C LYS B 1470 -32.29 -0.89 -19.93
N GLU B 1471 -33.14 -0.82 -20.95
CA GLU B 1471 -34.58 -0.70 -20.77
C GLU B 1471 -35.31 -2.02 -21.00
N ARG B 1472 -34.57 -3.12 -21.20
CA ARG B 1472 -35.16 -4.43 -21.45
C ARG B 1472 -35.01 -5.30 -20.22
N GLN B 1473 -36.11 -5.89 -19.76
CA GLN B 1473 -36.11 -6.78 -18.61
C GLN B 1473 -36.40 -8.20 -19.10
N THR B 1474 -35.42 -9.08 -18.97
CA THR B 1474 -35.52 -10.45 -19.43
C THR B 1474 -35.38 -11.41 -18.25
N GLU B 1475 -36.25 -12.41 -18.23
CA GLU B 1475 -36.22 -13.45 -17.21
C GLU B 1475 -36.33 -14.82 -17.88
N LYS B 1476 -35.75 -15.83 -17.24
CA LYS B 1476 -35.76 -17.17 -17.80
C LYS B 1476 -35.61 -18.18 -16.67
N ARG B 1477 -36.01 -19.42 -16.96
CA ARG B 1477 -35.90 -20.52 -16.02
C ARG B 1477 -34.68 -21.37 -16.38
N VAL B 1478 -33.78 -21.56 -15.43
CA VAL B 1478 -32.52 -22.25 -15.65
C VAL B 1478 -32.46 -23.45 -14.72
N LEU B 1479 -32.10 -24.60 -15.27
CA LEU B 1479 -31.92 -25.79 -14.45
C LEU B 1479 -30.79 -25.58 -13.45
N GLU B 1480 -30.96 -26.12 -12.25
CA GLU B 1480 -29.98 -25.92 -11.19
C GLU B 1480 -28.64 -26.55 -11.54
N THR B 1481 -28.65 -27.72 -12.17
CA THR B 1481 -27.42 -28.41 -12.51
C THR B 1481 -26.60 -27.66 -13.56
N GLU B 1482 -27.21 -26.77 -14.33
CA GLU B 1482 -26.53 -26.06 -15.40
C GLU B 1482 -26.43 -24.56 -15.13
N LEU B 1483 -26.63 -24.11 -13.89
CA LEU B 1483 -26.52 -22.69 -13.61
C LEU B 1483 -25.08 -22.20 -13.75
N VAL B 1484 -24.11 -22.98 -13.27
CA VAL B 1484 -22.72 -22.59 -13.39
C VAL B 1484 -22.30 -22.53 -14.86
N ASP B 1485 -22.72 -23.53 -15.65
CA ASP B 1485 -22.39 -23.52 -17.07
C ASP B 1485 -23.07 -22.36 -17.78
N HIS B 1486 -24.31 -22.04 -17.40
CA HIS B 1486 -25.01 -20.91 -18.00
C HIS B 1486 -24.27 -19.61 -17.69
N VAL B 1487 -23.84 -19.42 -16.45
CA VAL B 1487 -23.13 -18.20 -16.08
C VAL B 1487 -21.80 -18.11 -16.82
N LEU B 1488 -21.08 -19.22 -16.91
CA LEU B 1488 -19.80 -19.22 -17.62
C LEU B 1488 -20.00 -18.90 -19.10
N GLN B 1489 -21.03 -19.48 -19.72
CA GLN B 1489 -21.31 -19.21 -21.12
C GLN B 1489 -21.67 -17.75 -21.33
N LYS B 1490 -22.49 -17.19 -20.44
CA LYS B 1490 -22.87 -15.78 -20.56
C LYS B 1490 -21.64 -14.87 -20.41
N LEU B 1491 -20.76 -15.20 -19.47
CA LEU B 1491 -19.55 -14.40 -19.28
C LEU B 1491 -18.64 -14.48 -20.49
N ARG B 1492 -18.46 -15.68 -21.04
CA ARG B 1492 -17.61 -15.83 -22.22
C ARG B 1492 -18.19 -15.09 -23.43
N THR B 1493 -19.51 -15.18 -23.62
CA THR B 1493 -20.14 -14.53 -24.76
C THR B 1493 -20.22 -13.02 -24.58
N LYS B 1494 -20.11 -12.54 -23.35
CA LYS B 1494 -20.19 -11.11 -23.08
C LYS B 1494 -18.98 -10.37 -23.64
#